data_1GLE
#
_entry.id   1GLE
#
_cell.length_a   124.030
_cell.length_b   125.110
_cell.length_c   133.330
_cell.angle_alpha   90.00
_cell.angle_beta   90.00
_cell.angle_gamma   90.00
#
_symmetry.space_group_name_H-M   'I 2 2 2'
#
loop_
_entity.id
_entity.type
_entity.pdbx_description
1 polymer 'GLUCOSE-SPECIFIC PROTEIN IIIGlc'
2 polymer 'GLYCEROL KINASE'
3 non-polymer 'ZINC ION'
4 non-polymer GLYCERALDEHYDE-3-PHOSPHATE
5 non-polymer "ADENOSINE-5'-DIPHOSPHATE"
6 water water
#
loop_
_entity_poly.entity_id
_entity_poly.type
_entity_poly.pdbx_seq_one_letter_code
_entity_poly.pdbx_strand_id
1 'polypeptide(L)'
;GLFDKLKSLVSDDKKDTGTIEIIAPLSGEIVNIEDVPDVVFAEKIVGDGIAIKPTGNKMVAPVDGTIGKIFETNHAFSIE
SDSGVELFVHFGIDTVELKGEGFKRIAEEGQRVKVGDTVIEFDLPLLEEKAKSTLTPVVISNMDEIKELIKLSGSVTVGE
TPVIRIKK
;
F
2 'polypeptide(L)'
;TEKKYIVALDQGTTSSRAVVMDHDANIISVSQREFEQIYPKPGWVEHDPMEIWATQSSTLVEVLAKADISSDQIAAIGIT
NQRETTIVWEKETGKPIYNAIVWQCRRTAEICEHLKRDGLEDYIRSNTGLVIDPYFSGTKVKWILDHVEGSRERARRGEL
LFGTVDTWLIWKMTQGRVHVTDYTNASRTMLFNIHTLDWDDKMLEVLDIPREMLPEVRRSSEVYGQTNIGGKGGTRIPIS
GIAGDQQAALFGQLCVKEGMAKNTYGTGCFMLMNTGEKAVKSENGLLTTIACGPTGEVNYALEGAVFMAGASIQWLRDEM
KLINDAYDSEYFATKVQNTNGVYVVPAFTGLGAPYWDPYARGAIFGLTRGVNANHIIRATLESIAYQTRDVLEAMQADSG
IRLHALRVDGGAVANNFLMQFQSDILGTRVERPEVREVTALGAAYLAGLAVGFWQNLDELQEKAVIEREFRPGIETTERN
YRYAGWKKAVKRAMAWEEHDE
;
G
#
loop_
_chem_comp.id
_chem_comp.type
_chem_comp.name
_chem_comp.formula
ADP non-polymer ADENOSINE-5'-DIPHOSPHATE 'C10 H15 N5 O10 P2'
G3H non-polymer GLYCERALDEHYDE-3-PHOSPHATE 'C3 H7 O6 P'
ZN non-polymer 'ZINC ION' 'Zn 2'
#
# COMPACT_ATOMS: atom_id res chain seq x y z
N GLY A 1 -35.23 -32.11 32.33
CA GLY A 1 -33.81 -31.97 31.98
C GLY A 1 -33.29 -30.53 32.07
N LEU A 2 -34.07 -29.56 31.55
CA LEU A 2 -33.66 -28.15 31.61
C LEU A 2 -34.61 -27.34 32.48
N PHE A 3 -33.96 -26.57 33.35
CA PHE A 3 -34.66 -25.72 34.28
C PHE A 3 -34.97 -24.37 33.61
N ASP A 4 -34.59 -24.23 32.29
CA ASP A 4 -34.78 -23.03 31.45
C ASP A 4 -36.18 -22.40 31.66
N LYS A 5 -37.13 -23.31 31.92
CA LYS A 5 -38.54 -23.03 32.17
C LYS A 5 -38.79 -22.43 33.58
N LEU A 6 -38.14 -23.04 34.63
CA LEU A 6 -38.24 -22.65 36.05
C LEU A 6 -37.69 -21.25 36.35
N LYS A 7 -38.12 -20.73 37.52
CA LYS A 7 -37.74 -19.40 38.00
C LYS A 7 -36.36 -19.34 38.73
N SER A 8 -35.57 -18.31 38.42
CA SER A 8 -34.27 -18.25 39.05
C SER A 8 -34.17 -17.30 40.21
N LEU A 9 -33.05 -17.44 40.88
CA LEU A 9 -32.77 -16.57 41.96
C LEU A 9 -32.35 -15.25 41.29
N VAL A 10 -32.96 -14.15 41.72
CA VAL A 10 -32.65 -12.85 41.13
C VAL A 10 -32.24 -11.80 42.17
N SER A 11 -30.96 -11.40 42.18
CA SER A 11 -30.40 -10.39 43.09
C SER A 11 -31.36 -9.18 43.35
N THR A 19 -22.81 4.45 38.01
CA THR A 19 -21.74 3.50 37.63
C THR A 19 -22.26 2.31 36.82
N ILE A 20 -21.39 1.80 35.94
CA ILE A 20 -21.78 0.68 35.12
C ILE A 20 -21.01 -0.59 35.39
N GLU A 21 -21.80 -1.70 35.33
CA GLU A 21 -21.33 -3.06 35.58
C GLU A 21 -21.63 -3.92 34.39
N ILE A 22 -20.60 -4.60 33.90
CA ILE A 22 -20.85 -5.48 32.79
C ILE A 22 -20.87 -6.88 33.29
N ILE A 23 -21.92 -7.60 32.88
CA ILE A 23 -22.15 -8.96 33.33
C ILE A 23 -21.60 -10.05 32.46
N ALA A 24 -21.24 -11.14 33.12
CA ALA A 24 -20.73 -12.33 32.48
C ALA A 24 -21.74 -12.79 31.43
N PRO A 25 -21.30 -12.82 30.18
CA PRO A 25 -22.15 -13.13 29.06
C PRO A 25 -21.98 -14.54 28.63
N LEU A 26 -21.06 -15.18 29.34
CA LEU A 26 -20.78 -16.58 29.19
C LEU A 26 -20.06 -16.99 30.50
N SER A 27 -19.85 -18.28 30.83
CA SER A 27 -19.23 -18.59 32.15
C SER A 27 -17.91 -19.35 32.21
N GLY A 28 -17.24 -19.22 33.34
CA GLY A 28 -15.98 -19.92 33.53
C GLY A 28 -15.13 -19.05 34.43
N GLU A 29 -13.77 -19.13 34.19
CA GLU A 29 -12.75 -18.33 34.89
C GLU A 29 -12.37 -17.10 34.07
N ILE A 30 -12.29 -15.94 34.72
CA ILE A 30 -11.92 -14.71 34.07
C ILE A 30 -10.44 -14.71 33.74
N VAL A 31 -10.00 -13.95 32.69
CA VAL A 31 -8.57 -13.90 32.30
C VAL A 31 -8.04 -12.56 31.82
N ASN A 32 -6.68 -12.35 31.93
CA ASN A 32 -6.08 -11.07 31.51
C ASN A 32 -6.06 -11.03 30.04
N ILE A 33 -6.61 -9.90 29.52
CA ILE A 33 -6.76 -9.71 28.10
C ILE A 33 -5.44 -10.04 27.55
N GLU A 34 -4.51 -9.49 28.31
CA GLU A 34 -3.13 -9.71 28.07
C GLU A 34 -2.80 -11.18 27.81
N ASP A 35 -3.62 -12.13 28.16
CA ASP A 35 -3.07 -13.44 27.83
C ASP A 35 -3.67 -14.07 26.60
N VAL A 36 -4.47 -13.25 25.90
CA VAL A 36 -5.07 -13.80 24.68
C VAL A 36 -4.05 -13.98 23.62
N PRO A 37 -4.01 -15.21 23.15
CA PRO A 37 -3.16 -15.64 22.05
C PRO A 37 -3.43 -14.88 20.71
N ASP A 38 -3.76 -13.59 20.78
CA ASP A 38 -3.97 -12.71 19.65
C ASP A 38 -3.84 -11.31 20.11
N VAL A 39 -2.94 -10.74 19.39
CA VAL A 39 -2.57 -9.38 19.55
C VAL A 39 -3.62 -8.31 19.54
N VAL A 40 -4.63 -8.46 18.71
CA VAL A 40 -5.55 -7.37 18.64
C VAL A 40 -6.16 -7.10 19.96
N PHE A 41 -6.16 -8.25 20.67
CA PHE A 41 -6.74 -8.49 21.98
C PHE A 41 -5.81 -8.15 23.07
N ALA A 42 -4.73 -8.92 23.03
CA ALA A 42 -3.61 -8.76 23.95
C ALA A 42 -3.06 -7.31 23.97
N GLU A 43 -3.04 -6.57 22.87
CA GLU A 43 -2.59 -5.19 22.98
C GLU A 43 -3.74 -4.23 23.01
N LYS A 44 -4.92 -4.79 23.08
CA LYS A 44 -6.06 -3.97 23.24
C LYS A 44 -6.22 -2.96 22.16
N ILE A 45 -5.82 -3.43 21.01
CA ILE A 45 -5.93 -2.65 19.82
C ILE A 45 -7.41 -2.48 19.54
N VAL A 46 -8.13 -3.59 19.71
CA VAL A 46 -9.55 -3.59 19.44
C VAL A 46 -10.33 -2.93 20.47
N GLY A 47 -9.71 -2.87 21.65
CA GLY A 47 -10.27 -2.26 22.83
C GLY A 47 -9.85 -3.04 24.06
N ASP A 48 -10.46 -2.68 25.17
CA ASP A 48 -10.16 -3.36 26.41
C ASP A 48 -11.32 -4.09 27.04
N GLY A 49 -10.91 -4.99 27.91
CA GLY A 49 -11.82 -5.75 28.70
C GLY A 49 -11.12 -6.96 29.25
N ILE A 50 -11.89 -8.03 29.53
CA ILE A 50 -11.29 -9.26 29.98
C ILE A 50 -11.60 -10.36 29.03
N ALA A 51 -11.18 -11.51 29.47
CA ALA A 51 -11.45 -12.72 28.75
C ALA A 51 -12.08 -13.72 29.74
N ILE A 52 -12.39 -14.90 29.19
CA ILE A 52 -13.01 -15.93 29.97
C ILE A 52 -12.82 -17.30 29.37
N LYS A 53 -12.23 -18.19 30.18
CA LYS A 53 -12.13 -19.59 29.82
C LYS A 53 -13.52 -20.15 30.07
N PRO A 54 -14.09 -20.82 29.09
CA PRO A 54 -15.47 -21.15 29.31
C PRO A 54 -15.84 -22.53 29.85
N THR A 55 -17.00 -22.51 30.60
CA THR A 55 -17.61 -23.67 31.25
C THR A 55 -18.73 -24.41 30.62
N GLY A 56 -19.48 -23.79 29.74
CA GLY A 56 -20.45 -24.55 28.98
C GLY A 56 -21.69 -23.83 28.53
N ASN A 57 -22.29 -24.44 27.51
CA ASN A 57 -23.60 -24.08 27.00
C ASN A 57 -23.96 -22.72 26.36
N LYS A 58 -23.72 -21.53 26.93
CA LYS A 58 -24.28 -20.45 26.13
C LYS A 58 -23.79 -19.05 26.37
N MET A 59 -23.95 -18.19 25.35
CA MET A 59 -23.53 -16.80 25.43
C MET A 59 -24.74 -15.93 25.48
N VAL A 60 -24.66 -14.94 26.37
CA VAL A 60 -25.75 -14.06 26.74
C VAL A 60 -25.43 -12.57 26.94
N ALA A 61 -26.42 -11.69 26.61
CA ALA A 61 -26.36 -10.21 26.78
C ALA A 61 -25.78 -9.83 28.11
N PRO A 62 -24.89 -8.85 28.14
CA PRO A 62 -24.20 -8.53 29.37
C PRO A 62 -24.50 -7.18 29.82
N VAL A 63 -25.42 -6.60 29.03
CA VAL A 63 -25.97 -5.29 29.31
C VAL A 63 -27.32 -5.14 28.65
N ASP A 64 -28.24 -4.39 29.25
CA ASP A 64 -29.47 -4.25 28.52
C ASP A 64 -29.11 -3.22 27.48
N GLY A 65 -29.13 -3.60 26.23
CA GLY A 65 -28.79 -2.69 25.18
C GLY A 65 -29.44 -3.28 23.96
N THR A 66 -28.77 -3.16 22.82
CA THR A 66 -29.28 -3.73 21.58
C THR A 66 -28.22 -4.41 20.72
N ILE A 67 -28.45 -5.69 20.42
CA ILE A 67 -27.44 -6.42 19.70
C ILE A 67 -27.13 -5.79 18.40
N GLY A 68 -25.85 -5.42 18.25
CA GLY A 68 -25.37 -4.77 17.06
C GLY A 68 -25.24 -5.71 15.88
N LYS A 69 -24.05 -6.24 15.72
CA LYS A 69 -23.87 -7.14 14.63
C LYS A 69 -23.67 -8.50 15.22
N ILE A 70 -24.05 -9.50 14.46
CA ILE A 70 -23.79 -10.89 14.86
C ILE A 70 -23.03 -11.60 13.74
N PHE A 71 -21.85 -12.11 14.07
CA PHE A 71 -21.07 -12.75 13.02
C PHE A 71 -21.80 -13.85 12.36
N GLU A 72 -21.71 -13.76 11.07
CA GLU A 72 -22.31 -14.68 10.17
C GLU A 72 -22.05 -16.14 10.60
N THR A 73 -20.83 -16.43 11.11
CA THR A 73 -20.50 -17.80 11.51
C THR A 73 -20.81 -18.07 12.99
N ASN A 74 -21.65 -17.13 13.45
CA ASN A 74 -22.22 -16.93 14.76
C ASN A 74 -21.32 -17.34 15.96
N HIS A 75 -20.15 -16.69 16.08
CA HIS A 75 -19.13 -17.00 17.07
C HIS A 75 -18.77 -15.77 17.82
N ALA A 76 -19.48 -14.74 17.40
CA ALA A 76 -19.25 -13.51 18.06
C ALA A 76 -20.38 -12.58 17.79
N PHE A 77 -20.40 -11.53 18.57
CA PHE A 77 -21.40 -10.49 18.41
C PHE A 77 -21.03 -9.26 19.21
N SER A 78 -21.69 -8.21 18.83
CA SER A 78 -21.49 -6.99 19.52
C SER A 78 -22.82 -6.50 20.00
N ILE A 79 -22.74 -5.54 20.87
CA ILE A 79 -23.92 -4.90 21.31
C ILE A 79 -23.70 -3.59 22.03
N GLU A 80 -24.67 -2.76 21.78
CA GLU A 80 -24.75 -1.43 22.31
C GLU A 80 -25.69 -1.35 23.49
N SER A 81 -25.11 -0.97 24.61
CA SER A 81 -25.84 -0.85 25.85
C SER A 81 -26.69 0.38 25.82
N ASP A 82 -27.82 0.31 26.52
CA ASP A 82 -28.70 1.46 26.60
C ASP A 82 -27.93 2.65 27.15
N SER A 83 -26.79 2.35 27.80
CA SER A 83 -25.89 3.34 28.37
C SER A 83 -24.74 3.82 27.46
N GLY A 84 -24.86 3.55 26.16
CA GLY A 84 -23.85 3.97 25.19
C GLY A 84 -22.49 3.30 25.35
N VAL A 85 -22.52 2.00 25.63
CA VAL A 85 -21.29 1.27 25.75
C VAL A 85 -21.20 0.22 24.66
N GLU A 86 -19.99 -0.08 24.25
CA GLU A 86 -19.91 -1.03 23.20
C GLU A 86 -19.28 -2.35 23.49
N LEU A 87 -20.09 -3.38 23.28
CA LEU A 87 -19.48 -4.57 23.64
C LEU A 87 -19.16 -5.55 22.58
N PHE A 88 -18.04 -6.12 22.76
CA PHE A 88 -17.67 -7.08 21.78
C PHE A 88 -17.36 -8.43 22.37
N VAL A 89 -18.06 -9.43 21.87
CA VAL A 89 -17.78 -10.73 22.40
C VAL A 89 -17.28 -11.71 21.39
N HIS A 90 -16.07 -12.12 21.54
CA HIS A 90 -15.56 -12.99 20.54
C HIS A 90 -15.15 -14.27 21.12
N PHE A 91 -15.84 -15.23 20.62
CA PHE A 91 -15.61 -16.49 21.14
C PHE A 91 -14.42 -17.09 20.60
N GLY A 92 -13.51 -17.38 21.47
CA GLY A 92 -12.33 -18.12 21.06
C GLY A 92 -11.56 -17.38 20.04
N ILE A 93 -10.57 -18.06 19.57
CA ILE A 93 -9.79 -17.39 18.58
C ILE A 93 -9.62 -18.16 17.27
N ASP A 94 -9.93 -17.45 16.17
CA ASP A 94 -9.88 -18.01 14.84
C ASP A 94 -11.05 -18.94 14.73
N THR A 95 -12.06 -18.64 15.49
CA THR A 95 -13.16 -19.55 15.49
C THR A 95 -13.90 -19.66 14.21
N VAL A 96 -13.87 -18.54 13.48
CA VAL A 96 -14.52 -18.42 12.20
C VAL A 96 -14.17 -19.53 11.20
N GLU A 97 -13.15 -20.34 11.50
CA GLU A 97 -12.81 -21.44 10.60
C GLU A 97 -13.67 -22.66 10.81
N LEU A 98 -14.40 -22.74 11.93
CA LEU A 98 -15.27 -23.87 12.16
C LEU A 98 -16.53 -23.70 11.29
N LYS A 99 -16.60 -22.53 10.69
CA LYS A 99 -17.67 -22.14 9.80
C LYS A 99 -19.10 -22.23 10.32
N GLY A 100 -19.31 -22.03 11.65
CA GLY A 100 -20.65 -22.04 12.29
C GLY A 100 -21.11 -23.35 13.00
N GLU A 101 -20.18 -24.29 13.07
CA GLU A 101 -20.39 -25.59 13.65
C GLU A 101 -20.10 -25.67 15.14
N GLY A 102 -21.14 -25.66 15.94
CA GLY A 102 -20.98 -25.72 17.37
C GLY A 102 -21.80 -24.58 17.85
N PHE A 103 -21.94 -23.65 16.93
CA PHE A 103 -22.70 -22.47 17.20
C PHE A 103 -24.06 -22.60 16.69
N LYS A 104 -24.87 -21.75 17.32
CA LYS A 104 -26.27 -21.80 17.06
C LYS A 104 -26.99 -20.46 17.62
N ARG A 105 -27.70 -19.78 16.67
CA ARG A 105 -28.28 -18.43 16.80
C ARG A 105 -29.60 -18.24 17.51
N ILE A 106 -29.49 -17.95 18.75
CA ILE A 106 -30.70 -17.77 19.45
C ILE A 106 -31.35 -16.46 19.11
N ALA A 107 -30.59 -15.37 19.18
CA ALA A 107 -31.17 -14.04 18.84
C ALA A 107 -30.91 -13.51 17.45
N GLU A 108 -31.35 -12.30 17.25
CA GLU A 108 -31.27 -11.75 15.91
C GLU A 108 -30.65 -10.36 15.93
N GLU A 109 -29.87 -10.11 14.85
CA GLU A 109 -29.10 -8.90 14.61
C GLU A 109 -29.82 -7.59 14.89
N GLY A 110 -30.89 -7.57 15.65
CA GLY A 110 -31.47 -6.27 15.83
C GLY A 110 -32.03 -5.96 17.21
N GLN A 111 -32.50 -6.98 17.94
CA GLN A 111 -33.18 -6.80 19.21
C GLN A 111 -32.45 -6.19 20.35
N ARG A 112 -33.33 -5.73 21.27
CA ARG A 112 -32.95 -5.15 22.56
C ARG A 112 -32.92 -6.29 23.53
N VAL A 113 -32.13 -6.17 24.56
CA VAL A 113 -32.14 -7.30 25.42
C VAL A 113 -31.82 -6.79 26.75
N LYS A 114 -32.16 -7.63 27.71
CA LYS A 114 -31.89 -7.35 29.07
C LYS A 114 -30.65 -8.13 29.37
N VAL A 115 -30.18 -8.04 30.59
CA VAL A 115 -29.07 -8.88 30.82
C VAL A 115 -29.61 -10.27 30.86
N GLY A 116 -28.81 -11.20 30.51
CA GLY A 116 -29.23 -12.55 30.61
C GLY A 116 -29.90 -13.14 29.38
N ASP A 117 -30.52 -12.36 28.51
CA ASP A 117 -31.20 -13.05 27.41
C ASP A 117 -30.34 -13.96 26.50
N THR A 118 -30.75 -15.19 26.20
CA THR A 118 -29.86 -16.04 25.40
C THR A 118 -29.50 -15.43 24.07
N VAL A 119 -28.23 -15.48 23.69
CA VAL A 119 -27.80 -14.86 22.46
C VAL A 119 -27.24 -15.84 21.48
N ILE A 120 -26.44 -16.69 21.96
CA ILE A 120 -25.91 -17.68 21.07
C ILE A 120 -25.72 -18.86 21.94
N GLU A 121 -25.93 -19.99 21.33
CA GLU A 121 -25.74 -21.21 22.05
C GLU A 121 -24.55 -21.88 21.46
N PHE A 122 -23.95 -22.76 22.24
CA PHE A 122 -22.79 -23.43 21.76
C PHE A 122 -22.49 -24.85 22.28
N ASP A 123 -21.49 -25.49 21.66
CA ASP A 123 -21.09 -26.84 21.94
C ASP A 123 -19.67 -26.96 22.48
N LEU A 124 -19.56 -26.55 23.74
CA LEU A 124 -18.31 -26.50 24.43
C LEU A 124 -17.32 -27.63 24.19
N PRO A 125 -17.72 -28.71 23.60
CA PRO A 125 -16.71 -29.73 23.45
C PRO A 125 -16.27 -29.96 22.07
N LEU A 126 -17.21 -29.82 21.15
CA LEU A 126 -16.87 -29.90 19.75
C LEU A 126 -15.83 -28.81 19.57
N LEU A 127 -16.18 -27.64 20.09
CA LEU A 127 -15.28 -26.53 20.15
C LEU A 127 -14.04 -26.86 21.01
N GLU A 128 -14.18 -27.75 21.96
CA GLU A 128 -13.04 -27.99 22.77
C GLU A 128 -11.80 -28.51 22.09
N GLU A 129 -11.93 -29.31 21.05
CA GLU A 129 -10.65 -29.75 20.51
C GLU A 129 -10.39 -29.33 19.09
N LYS A 130 -11.48 -28.84 18.52
CA LYS A 130 -11.41 -28.31 17.20
C LYS A 130 -10.75 -26.95 17.20
N ALA A 131 -11.26 -26.05 18.03
CA ALA A 131 -10.68 -24.71 18.08
C ALA A 131 -9.24 -24.55 18.60
N LYS A 132 -8.60 -23.54 17.99
CA LYS A 132 -7.24 -23.15 18.31
C LYS A 132 -7.07 -22.84 19.82
N SER A 133 -8.02 -22.07 20.33
CA SER A 133 -8.08 -21.61 21.68
C SER A 133 -9.52 -21.43 21.99
N THR A 134 -9.88 -21.31 23.25
CA THR A 134 -11.29 -21.16 23.55
C THR A 134 -11.61 -19.88 24.33
N LEU A 135 -10.56 -19.13 24.48
CA LEU A 135 -10.67 -17.92 25.22
C LEU A 135 -11.76 -17.00 24.74
N THR A 136 -12.44 -16.41 25.66
CA THR A 136 -13.50 -15.63 25.14
C THR A 136 -13.55 -14.22 25.55
N PRO A 137 -12.84 -13.44 24.80
CA PRO A 137 -12.73 -12.06 25.07
C PRO A 137 -13.99 -11.38 25.05
N VAL A 138 -14.04 -10.54 26.02
CA VAL A 138 -15.08 -9.59 26.25
C VAL A 138 -14.42 -8.22 26.37
N VAL A 139 -14.57 -7.40 25.33
CA VAL A 139 -13.96 -6.10 25.39
C VAL A 139 -14.98 -5.04 25.07
N ILE A 140 -14.63 -3.83 25.53
CA ILE A 140 -15.32 -2.59 25.30
C ILE A 140 -14.53 -2.02 24.15
N SER A 141 -15.22 -1.65 23.08
CA SER A 141 -14.57 -1.16 21.87
C SER A 141 -14.40 0.34 21.79
N ASN A 142 -15.43 1.06 22.19
CA ASN A 142 -15.44 2.52 22.25
C ASN A 142 -14.69 3.08 23.49
N MET A 143 -13.47 2.55 23.76
CA MET A 143 -12.65 2.92 24.93
C MET A 143 -12.48 4.41 25.09
N ASP A 144 -12.88 5.16 24.08
CA ASP A 144 -12.68 6.60 24.08
C ASP A 144 -13.72 7.40 24.86
N GLU A 145 -14.96 6.89 24.83
CA GLU A 145 -16.04 7.57 25.53
C GLU A 145 -16.18 7.07 27.03
N ILE A 146 -15.14 6.32 27.55
CA ILE A 146 -15.13 5.74 28.92
C ILE A 146 -13.99 6.22 29.82
N LYS A 147 -14.35 6.83 30.97
CA LYS A 147 -13.36 7.32 31.94
C LYS A 147 -12.55 6.22 32.63
N GLU A 148 -13.24 5.49 33.47
CA GLU A 148 -12.58 4.44 34.17
C GLU A 148 -13.14 3.05 33.81
N LEU A 149 -12.24 2.08 33.68
CA LEU A 149 -12.68 0.72 33.39
C LEU A 149 -11.99 -0.33 34.29
N ILE A 150 -12.84 -1.12 35.08
CA ILE A 150 -12.38 -2.16 36.03
C ILE A 150 -12.85 -3.53 35.83
N LYS A 151 -11.78 -4.26 36.06
CA LYS A 151 -11.59 -5.63 35.88
C LYS A 151 -11.71 -6.44 37.14
N LEU A 152 -12.76 -7.26 37.20
CA LEU A 152 -13.01 -8.16 38.31
C LEU A 152 -12.18 -9.37 38.12
N SER A 153 -12.23 -10.25 39.11
CA SER A 153 -11.46 -11.48 39.03
C SER A 153 -12.18 -12.75 39.48
N GLY A 154 -11.45 -13.85 39.27
CA GLY A 154 -11.86 -15.18 39.64
C GLY A 154 -12.94 -15.77 38.78
N SER A 155 -13.84 -16.49 39.45
CA SER A 155 -14.93 -17.20 38.80
C SER A 155 -16.18 -16.38 38.59
N VAL A 156 -16.83 -16.70 37.47
CA VAL A 156 -18.10 -16.06 37.21
C VAL A 156 -18.99 -17.05 36.58
N THR A 157 -20.25 -16.61 36.62
CA THR A 157 -21.41 -17.34 36.19
C THR A 157 -22.36 -16.46 35.37
N VAL A 158 -22.78 -17.09 34.30
CA VAL A 158 -23.62 -16.40 33.41
C VAL A 158 -24.79 -15.60 33.92
N GLY A 159 -24.79 -14.36 33.45
CA GLY A 159 -25.80 -13.35 33.66
C GLY A 159 -25.92 -13.13 35.11
N GLU A 160 -24.86 -13.54 35.79
CA GLU A 160 -24.88 -13.46 37.24
C GLU A 160 -23.73 -12.69 37.80
N THR A 161 -22.53 -13.17 37.64
CA THR A 161 -21.36 -12.48 38.14
C THR A 161 -20.92 -11.43 37.14
N PRO A 162 -20.52 -10.25 37.59
CA PRO A 162 -20.03 -9.16 36.73
C PRO A 162 -18.52 -9.22 36.57
N VAL A 163 -18.02 -8.82 35.38
CA VAL A 163 -16.61 -8.87 35.09
C VAL A 163 -15.95 -7.55 35.08
N ILE A 164 -16.73 -6.56 34.70
CA ILE A 164 -16.19 -5.26 34.60
C ILE A 164 -17.13 -4.23 35.05
N ARG A 165 -16.50 -3.19 35.55
CA ARG A 165 -17.19 -1.99 36.00
C ARG A 165 -16.56 -0.82 35.34
N ILE A 166 -17.34 0.13 34.93
CA ILE A 166 -16.78 1.23 34.19
C ILE A 166 -17.49 2.55 34.50
N LYS A 167 -16.70 3.65 34.55
CA LYS A 167 -17.23 4.99 34.78
C LYS A 167 -17.25 5.80 33.47
N LYS A 168 -18.46 6.16 32.99
CA LYS A 168 -18.71 6.94 31.74
C LYS A 168 -19.04 8.47 32.02
N LYS B 4 5.55 34.35 -5.23
CA LYS B 4 6.59 33.41 -5.64
C LYS B 4 6.18 31.94 -5.40
N TYR B 5 6.57 31.06 -6.34
CA TYR B 5 6.21 29.65 -6.23
C TYR B 5 6.98 28.61 -7.02
N ILE B 6 6.97 27.41 -6.45
CA ILE B 6 7.55 26.27 -7.11
C ILE B 6 6.45 25.54 -7.84
N VAL B 7 6.93 24.80 -8.81
CA VAL B 7 6.08 24.05 -9.65
C VAL B 7 6.64 22.66 -9.81
N ALA B 8 5.79 21.68 -9.51
CA ALA B 8 6.22 20.31 -9.59
C ALA B 8 5.63 19.59 -10.75
N LEU B 9 6.41 18.67 -11.20
CA LEU B 9 5.95 17.85 -12.27
C LEU B 9 5.87 16.37 -11.86
N ASP B 10 4.68 15.79 -11.94
CA ASP B 10 4.51 14.37 -11.64
C ASP B 10 4.12 13.60 -12.89
N GLN B 11 5.05 12.91 -13.52
CA GLN B 11 4.70 12.14 -14.71
C GLN B 11 4.62 10.65 -14.33
N GLY B 12 3.35 10.20 -14.22
CA GLY B 12 2.98 8.88 -13.72
C GLY B 12 2.61 7.79 -14.71
N THR B 13 2.51 6.55 -14.20
CA THR B 13 2.17 5.46 -15.07
C THR B 13 0.92 5.70 -15.83
N THR B 14 -0.13 5.99 -15.06
CA THR B 14 -1.44 6.28 -15.58
C THR B 14 -1.40 7.61 -16.31
N SER B 15 -1.05 8.73 -15.63
CA SER B 15 -1.03 10.10 -16.23
C SER B 15 0.08 11.06 -15.80
N SER B 16 0.03 12.24 -16.45
CA SER B 16 0.94 13.36 -16.20
C SER B 16 0.25 14.51 -15.44
N ARG B 17 0.94 15.11 -14.46
CA ARG B 17 0.35 16.18 -13.67
C ARG B 17 1.23 17.44 -13.49
N ALA B 18 0.68 18.54 -12.95
CA ALA B 18 1.43 19.78 -12.74
C ALA B 18 0.83 20.53 -11.60
N VAL B 19 1.59 20.62 -10.53
CA VAL B 19 1.18 21.28 -9.31
C VAL B 19 1.98 22.53 -9.08
N VAL B 20 1.25 23.54 -8.63
CA VAL B 20 1.86 24.82 -8.32
C VAL B 20 1.63 25.15 -6.85
N MET B 21 2.72 25.31 -6.09
CA MET B 21 2.56 25.59 -4.66
C MET B 21 3.08 26.94 -4.30
N ASP B 22 2.62 27.45 -3.17
CA ASP B 22 3.16 28.71 -2.71
C ASP B 22 4.26 28.49 -1.68
N HIS B 23 4.84 29.58 -1.21
CA HIS B 23 5.86 29.46 -0.20
C HIS B 23 5.28 28.81 1.03
N ASP B 24 4.06 29.17 1.32
CA ASP B 24 3.42 28.63 2.50
C ASP B 24 3.06 27.11 2.29
N ALA B 25 3.37 26.62 1.07
CA ALA B 25 3.16 25.22 0.61
C ALA B 25 1.74 24.74 0.49
N ASN B 26 0.99 25.57 -0.19
CA ASN B 26 -0.40 25.33 -0.42
C ASN B 26 -0.66 24.96 -1.89
N ILE B 27 -1.48 23.93 -2.08
CA ILE B 27 -1.78 23.58 -3.44
C ILE B 27 -2.72 24.64 -3.99
N ILE B 28 -2.16 25.36 -4.96
CA ILE B 28 -2.70 26.49 -5.67
C ILE B 28 -3.56 26.24 -6.97
N SER B 29 -3.13 25.29 -7.85
CA SER B 29 -3.77 24.89 -9.10
C SER B 29 -3.14 23.59 -9.58
N VAL B 30 -3.94 22.69 -10.20
CA VAL B 30 -3.41 21.40 -10.68
C VAL B 30 -3.88 21.11 -12.05
N SER B 31 -3.09 20.29 -12.72
CA SER B 31 -3.46 19.82 -14.04
C SER B 31 -3.05 18.40 -14.24
N GLN B 32 -4.07 17.63 -14.57
CA GLN B 32 -3.95 16.24 -14.86
C GLN B 32 -4.36 16.10 -16.34
N ARG B 33 -3.84 15.08 -16.99
CA ARG B 33 -4.14 14.69 -18.37
C ARG B 33 -3.70 13.22 -18.48
N GLU B 34 -4.69 12.31 -18.65
CA GLU B 34 -4.38 10.89 -18.76
C GLU B 34 -3.79 10.59 -20.14
N PHE B 35 -3.10 9.43 -20.30
CA PHE B 35 -2.47 9.02 -21.58
C PHE B 35 -2.49 7.47 -21.89
N GLU B 36 -2.60 7.16 -23.17
CA GLU B 36 -2.74 5.82 -23.68
C GLU B 36 -1.77 4.83 -23.11
N GLN B 37 -2.26 3.58 -23.00
CA GLN B 37 -1.57 2.39 -22.52
C GLN B 37 -1.71 1.30 -23.54
N ILE B 38 -0.58 0.91 -23.93
CA ILE B 38 -0.49 0.01 -25.01
C ILE B 38 0.03 -1.25 -24.56
N TYR B 39 -0.73 -2.20 -24.99
CA TYR B 39 -0.33 -3.49 -24.80
C TYR B 39 -0.34 -4.01 -26.15
N PRO B 40 0.84 -4.23 -26.60
CA PRO B 40 1.10 -4.75 -27.91
C PRO B 40 1.02 -6.27 -27.87
N LYS B 41 1.05 -6.82 -26.68
CA LYS B 41 1.07 -8.29 -26.48
C LYS B 41 0.78 -8.49 -25.00
N PRO B 42 0.42 -9.69 -24.59
CA PRO B 42 0.05 -9.89 -23.23
C PRO B 42 0.75 -9.29 -22.06
N GLY B 43 1.70 -10.04 -21.60
CA GLY B 43 2.38 -9.54 -20.43
C GLY B 43 3.16 -8.23 -20.65
N TRP B 44 2.93 -7.54 -21.80
CA TRP B 44 3.65 -6.33 -22.21
C TRP B 44 2.93 -5.02 -22.02
N VAL B 45 3.73 -4.02 -21.65
CA VAL B 45 3.18 -2.70 -21.45
C VAL B 45 4.15 -1.77 -22.06
N GLU B 46 3.63 -0.67 -22.63
CA GLU B 46 4.48 0.32 -23.29
C GLU B 46 3.77 1.62 -23.32
N HIS B 47 4.52 2.72 -23.23
CA HIS B 47 3.92 4.00 -23.36
C HIS B 47 4.66 4.69 -24.50
N ASP B 48 4.10 5.75 -25.03
CA ASP B 48 4.66 6.49 -26.16
C ASP B 48 5.33 7.78 -25.75
N PRO B 49 6.67 7.77 -25.86
CA PRO B 49 7.50 8.88 -25.47
C PRO B 49 6.95 10.24 -25.80
N MET B 50 6.42 10.37 -27.01
CA MET B 50 5.90 11.67 -27.38
C MET B 50 4.63 12.06 -26.68
N GLU B 51 3.99 11.04 -26.13
CA GLU B 51 2.74 11.28 -25.44
C GLU B 51 2.84 11.72 -23.99
N ILE B 52 3.89 11.23 -23.32
CA ILE B 52 4.19 11.59 -21.94
C ILE B 52 4.51 13.04 -22.03
N TRP B 53 5.45 13.18 -22.99
CA TRP B 53 6.03 14.40 -23.43
C TRP B 53 4.95 15.44 -23.68
N ALA B 54 4.16 15.22 -24.72
CA ALA B 54 3.07 16.10 -25.03
C ALA B 54 2.15 16.35 -23.81
N THR B 55 1.81 15.27 -23.15
CA THR B 55 0.94 15.32 -22.01
C THR B 55 1.55 16.07 -20.84
N GLN B 56 2.82 15.78 -20.52
CA GLN B 56 3.53 16.47 -19.43
C GLN B 56 3.68 17.97 -19.70
N SER B 57 4.14 18.28 -20.92
CA SER B 57 4.30 19.65 -21.33
C SER B 57 2.98 20.36 -21.12
N SER B 58 2.04 20.04 -21.99
CA SER B 58 0.68 20.55 -21.98
C SER B 58 0.13 20.75 -20.56
N THR B 59 0.47 19.83 -19.67
CA THR B 59 -0.05 19.98 -18.33
C THR B 59 0.45 21.19 -17.56
N LEU B 60 1.67 21.60 -17.88
CA LEU B 60 2.37 22.71 -17.26
C LEU B 60 1.71 24.04 -17.44
N VAL B 61 1.61 24.33 -18.72
CA VAL B 61 1.01 25.54 -19.26
C VAL B 61 -0.34 25.86 -18.63
N GLU B 62 -1.17 24.88 -18.79
CA GLU B 62 -2.53 24.85 -18.34
C GLU B 62 -2.66 25.17 -16.83
N VAL B 63 -1.60 24.85 -16.02
CA VAL B 63 -1.64 25.08 -14.55
C VAL B 63 -1.35 26.50 -14.24
N LEU B 64 -0.29 26.96 -14.95
CA LEU B 64 0.29 28.31 -14.96
C LEU B 64 -0.73 29.33 -15.40
N ALA B 65 -1.37 28.92 -16.49
CA ALA B 65 -2.43 29.67 -17.14
C ALA B 65 -3.64 29.85 -16.19
N LYS B 66 -4.04 28.69 -15.64
CA LYS B 66 -5.18 28.50 -14.72
C LYS B 66 -5.16 29.40 -13.49
N ALA B 67 -3.93 29.60 -13.00
CA ALA B 67 -3.72 30.42 -11.83
C ALA B 67 -3.42 31.87 -12.19
N ASP B 68 -2.80 32.06 -13.37
CA ASP B 68 -2.38 33.37 -13.86
C ASP B 68 -1.07 33.64 -13.16
N ILE B 69 -0.01 33.36 -13.90
CA ILE B 69 1.31 33.40 -13.34
C ILE B 69 2.34 33.37 -14.48
N SER B 70 3.53 33.99 -14.31
CA SER B 70 4.51 33.85 -15.41
C SER B 70 5.91 33.56 -14.95
N SER B 71 6.77 33.22 -15.96
CA SER B 71 8.19 32.92 -15.83
C SER B 71 8.79 33.68 -14.63
N ASP B 72 8.30 34.95 -14.50
CA ASP B 72 8.65 35.95 -13.47
C ASP B 72 8.42 35.55 -11.99
N GLN B 73 7.33 34.83 -11.69
CA GLN B 73 7.04 34.48 -10.31
C GLN B 73 7.39 33.06 -9.82
N ILE B 74 7.86 32.15 -10.73
CA ILE B 74 8.19 30.75 -10.38
C ILE B 74 9.64 30.54 -9.98
N ALA B 75 9.85 30.18 -8.71
CA ALA B 75 11.19 29.92 -8.15
C ALA B 75 11.91 28.80 -8.85
N ALA B 76 11.24 27.65 -8.98
CA ALA B 76 11.88 26.52 -9.66
C ALA B 76 10.93 25.41 -10.11
N ILE B 77 11.54 24.46 -10.81
CA ILE B 77 10.83 23.30 -11.29
C ILE B 77 11.37 22.10 -10.57
N GLY B 78 10.43 21.33 -9.99
CA GLY B 78 10.67 20.08 -9.30
C GLY B 78 10.15 19.02 -10.23
N ILE B 79 10.88 17.93 -10.33
CA ILE B 79 10.49 16.86 -11.25
C ILE B 79 10.33 15.45 -10.61
N THR B 80 9.15 14.81 -10.85
CA THR B 80 8.80 13.43 -10.39
C THR B 80 8.28 12.48 -11.47
N ASN B 81 8.85 11.31 -11.49
CA ASN B 81 8.49 10.41 -12.55
C ASN B 81 8.19 8.96 -12.17
N GLN B 82 7.68 8.18 -13.14
CA GLN B 82 7.45 6.78 -12.90
C GLN B 82 8.76 6.06 -13.03
N ARG B 83 9.07 5.08 -12.18
CA ARG B 83 10.38 4.42 -12.27
C ARG B 83 10.65 3.36 -13.35
N GLU B 84 11.85 2.85 -13.38
CA GLU B 84 12.24 1.84 -14.33
C GLU B 84 12.08 2.11 -15.84
N THR B 85 10.89 2.53 -16.21
CA THR B 85 10.56 2.76 -17.61
C THR B 85 11.63 3.44 -18.44
N THR B 86 12.33 2.59 -19.17
CA THR B 86 13.42 2.73 -20.11
C THR B 86 13.01 3.41 -21.41
N ILE B 87 13.89 4.29 -21.93
CA ILE B 87 13.78 5.03 -23.20
C ILE B 87 15.14 5.26 -23.90
N VAL B 88 15.15 5.15 -25.21
CA VAL B 88 16.35 5.34 -26.05
C VAL B 88 16.11 6.31 -27.19
N TRP B 89 17.00 7.22 -27.41
CA TRP B 89 16.62 8.12 -28.46
C TRP B 89 17.77 8.77 -29.08
N GLU B 90 17.70 8.73 -30.37
CA GLU B 90 18.61 9.37 -31.26
C GLU B 90 18.83 10.80 -30.77
N LYS B 91 20.09 11.08 -30.38
CA LYS B 91 20.55 12.36 -29.87
C LYS B 91 20.22 13.54 -30.80
N GLU B 92 20.73 13.48 -32.09
CA GLU B 92 20.52 14.51 -33.13
C GLU B 92 19.09 15.07 -33.14
N THR B 93 18.18 14.15 -33.52
CA THR B 93 16.70 14.21 -33.73
C THR B 93 15.76 14.63 -32.60
N GLY B 94 15.83 13.90 -31.47
CA GLY B 94 14.94 14.13 -30.33
C GLY B 94 13.76 13.19 -30.47
N LYS B 95 14.10 12.08 -31.16
CA LYS B 95 13.25 10.97 -31.61
C LYS B 95 13.66 9.57 -31.16
N PRO B 96 12.63 8.93 -30.75
CA PRO B 96 12.82 7.63 -30.22
C PRO B 96 13.00 6.58 -31.23
N ILE B 97 13.91 5.73 -30.88
CA ILE B 97 14.20 4.56 -31.66
C ILE B 97 13.18 3.41 -31.38
N TYR B 98 12.39 3.61 -30.34
CA TYR B 98 11.33 2.72 -29.87
C TYR B 98 10.31 3.49 -29.01
N ASN B 99 9.48 2.74 -28.36
CA ASN B 99 8.39 3.09 -27.46
C ASN B 99 8.96 2.93 -26.10
N ALA B 100 8.37 3.53 -25.09
CA ALA B 100 8.99 3.29 -23.81
C ALA B 100 8.55 2.01 -23.19
N ILE B 101 9.51 1.25 -22.73
CA ILE B 101 9.13 0.11 -21.99
C ILE B 101 8.87 0.48 -20.53
N VAL B 102 7.65 0.12 -20.07
CA VAL B 102 7.19 0.44 -18.76
C VAL B 102 7.64 -0.52 -17.75
N TRP B 103 7.60 -0.03 -16.54
CA TRP B 103 8.07 -0.81 -15.47
C TRP B 103 7.42 -2.19 -15.33
N GLN B 104 6.13 -2.28 -15.68
CA GLN B 104 5.39 -3.52 -15.61
C GLN B 104 5.74 -4.55 -16.65
N CYS B 105 5.93 -4.07 -17.86
CA CYS B 105 6.18 -4.91 -19.01
C CYS B 105 7.13 -6.03 -18.74
N ARG B 106 6.63 -7.25 -18.85
CA ARG B 106 7.39 -8.48 -18.63
C ARG B 106 8.19 -8.94 -19.86
N ARG B 107 8.45 -8.07 -20.86
CA ARG B 107 9.19 -8.60 -21.99
C ARG B 107 10.54 -9.21 -21.80
N THR B 108 11.43 -8.50 -21.15
CA THR B 108 12.78 -8.99 -21.00
C THR B 108 12.85 -10.06 -19.97
N ALA B 109 11.90 -10.93 -19.99
CA ALA B 109 11.87 -11.96 -19.00
C ALA B 109 12.87 -13.09 -19.21
N GLU B 110 13.19 -13.41 -20.47
CA GLU B 110 14.09 -14.52 -20.68
C GLU B 110 15.47 -14.08 -20.31
N ILE B 111 15.71 -12.84 -20.64
CA ILE B 111 16.98 -12.24 -20.39
C ILE B 111 17.40 -12.45 -18.93
N CYS B 112 16.41 -12.10 -18.04
CA CYS B 112 16.54 -12.27 -16.60
C CYS B 112 16.86 -13.74 -16.35
N GLU B 113 16.27 -14.56 -17.15
CA GLU B 113 16.48 -15.97 -16.97
C GLU B 113 17.92 -16.39 -17.27
N HIS B 114 18.58 -15.65 -18.17
CA HIS B 114 19.97 -15.94 -18.44
C HIS B 114 20.73 -15.50 -17.26
N LEU B 115 20.47 -14.24 -16.86
CA LEU B 115 21.14 -13.64 -15.73
C LEU B 115 21.16 -14.60 -14.56
N LYS B 116 20.03 -15.19 -14.24
CA LYS B 116 19.99 -16.16 -13.17
C LYS B 116 20.87 -17.38 -13.47
N ARG B 117 20.81 -17.86 -14.75
CA ARG B 117 21.52 -19.05 -15.34
C ARG B 117 23.05 -18.90 -15.22
N ASP B 118 23.46 -17.64 -15.39
CA ASP B 118 24.85 -17.26 -15.34
C ASP B 118 25.37 -17.33 -13.90
N GLY B 119 24.75 -16.56 -12.95
CA GLY B 119 25.06 -16.56 -11.50
C GLY B 119 25.02 -15.20 -10.78
N LEU B 120 24.52 -14.18 -11.47
CA LEU B 120 24.48 -12.80 -11.04
C LEU B 120 23.46 -12.42 -10.01
N GLU B 121 22.62 -13.37 -9.62
CA GLU B 121 21.60 -13.06 -8.62
C GLU B 121 22.28 -12.40 -7.44
N ASP B 122 23.24 -13.13 -6.96
CA ASP B 122 24.00 -12.67 -5.84
C ASP B 122 24.65 -11.34 -6.10
N TYR B 123 25.31 -11.25 -7.22
CA TYR B 123 25.94 -9.99 -7.48
C TYR B 123 24.96 -8.83 -7.56
N ILE B 124 24.06 -8.96 -8.50
CA ILE B 124 23.11 -7.96 -8.69
C ILE B 124 22.45 -7.54 -7.43
N ARG B 125 22.15 -8.51 -6.56
CA ARG B 125 21.51 -8.14 -5.31
C ARG B 125 22.30 -7.13 -4.55
N SER B 126 23.50 -7.55 -4.23
CA SER B 126 24.56 -6.88 -3.47
C SER B 126 25.02 -5.53 -3.97
N ASN B 127 24.89 -5.26 -5.26
CA ASN B 127 25.41 -3.99 -5.66
C ASN B 127 24.36 -3.09 -6.13
N THR B 128 23.30 -3.70 -6.67
CA THR B 128 22.17 -2.91 -7.08
C THR B 128 21.18 -2.79 -5.98
N GLY B 129 21.10 -3.85 -5.17
CA GLY B 129 20.14 -3.84 -4.08
C GLY B 129 18.82 -4.23 -4.68
N LEU B 130 18.85 -4.36 -6.00
CA LEU B 130 17.75 -4.77 -6.83
C LEU B 130 17.70 -6.29 -6.87
N VAL B 131 16.80 -6.79 -7.67
CA VAL B 131 16.61 -8.22 -7.76
C VAL B 131 16.30 -8.51 -9.20
N ILE B 132 16.79 -9.66 -9.70
CA ILE B 132 16.67 -10.07 -11.09
C ILE B 132 15.23 -10.10 -11.53
N ASP B 133 14.81 -9.10 -12.31
CA ASP B 133 13.44 -9.04 -12.75
C ASP B 133 13.21 -7.95 -13.75
N PRO B 134 12.41 -8.29 -14.74
CA PRO B 134 12.07 -7.39 -15.83
C PRO B 134 11.57 -6.07 -15.37
N TYR B 135 11.28 -5.98 -14.11
CA TYR B 135 10.83 -4.74 -13.53
C TYR B 135 11.72 -3.52 -13.82
N PHE B 136 13.06 -3.67 -13.77
CA PHE B 136 14.00 -2.56 -13.93
C PHE B 136 14.62 -2.33 -15.29
N SER B 137 15.11 -1.09 -15.48
CA SER B 137 15.70 -0.55 -16.70
C SER B 137 16.63 -1.38 -17.54
N GLY B 138 17.72 -1.86 -16.94
CA GLY B 138 18.76 -2.71 -17.54
C GLY B 138 18.29 -3.47 -18.76
N THR B 139 17.75 -4.67 -18.51
CA THR B 139 17.14 -5.51 -19.56
C THR B 139 16.23 -4.79 -20.58
N LYS B 140 15.43 -3.83 -20.16
CA LYS B 140 14.65 -3.15 -21.15
C LYS B 140 15.58 -2.43 -22.08
N VAL B 141 16.68 -1.96 -21.57
CA VAL B 141 17.61 -1.34 -22.50
C VAL B 141 18.14 -2.34 -23.54
N LYS B 142 18.77 -3.41 -23.06
CA LYS B 142 19.32 -4.46 -23.93
C LYS B 142 18.32 -5.07 -24.88
N TRP B 143 17.12 -5.31 -24.40
CA TRP B 143 16.11 -5.81 -25.25
C TRP B 143 15.99 -4.81 -26.36
N ILE B 144 15.96 -3.49 -26.10
CA ILE B 144 15.86 -2.52 -27.21
C ILE B 144 17.00 -2.56 -28.17
N LEU B 145 18.18 -2.42 -27.62
CA LEU B 145 19.35 -2.45 -28.46
C LEU B 145 19.38 -3.73 -29.31
N ASP B 146 18.94 -4.80 -28.68
CA ASP B 146 18.89 -6.09 -29.33
C ASP B 146 17.89 -6.18 -30.50
N HIS B 147 16.83 -5.33 -30.56
CA HIS B 147 15.76 -5.38 -31.59
C HIS B 147 15.68 -4.12 -32.41
N VAL B 148 16.87 -3.75 -32.90
CA VAL B 148 17.13 -2.63 -33.80
C VAL B 148 18.51 -2.84 -34.47
N GLU B 149 18.55 -2.82 -35.83
CA GLU B 149 19.80 -3.07 -36.58
C GLU B 149 20.96 -2.19 -36.08
N GLY B 150 20.88 -0.89 -36.46
CA GLY B 150 21.87 0.11 -36.05
C GLY B 150 21.49 0.70 -34.69
N SER B 151 22.06 0.03 -33.63
CA SER B 151 21.76 0.37 -32.23
C SER B 151 22.98 0.53 -31.35
N ARG B 152 23.54 -0.63 -31.00
CA ARG B 152 24.73 -0.76 -30.14
C ARG B 152 25.82 0.13 -30.68
N GLU B 153 26.27 -0.25 -31.89
CA GLU B 153 27.26 0.53 -32.60
C GLU B 153 26.80 2.03 -32.64
N ARG B 154 25.63 2.35 -33.28
CA ARG B 154 25.08 3.72 -33.31
C ARG B 154 25.16 4.42 -31.96
N ALA B 155 25.16 3.61 -30.89
CA ALA B 155 25.18 4.14 -29.56
C ALA B 155 26.54 4.31 -28.96
N ARG B 156 27.55 3.51 -29.45
CA ARG B 156 28.98 3.63 -29.01
C ARG B 156 29.50 4.90 -29.62
N ARG B 157 29.12 5.09 -30.86
CA ARG B 157 29.41 6.31 -31.53
C ARG B 157 28.61 7.38 -30.74
N GLY B 158 27.61 6.91 -30.02
CA GLY B 158 26.81 7.76 -29.16
C GLY B 158 25.94 8.79 -29.83
N GLU B 159 24.97 8.32 -30.65
CA GLU B 159 23.97 9.19 -31.26
C GLU B 159 22.62 8.84 -30.66
N LEU B 160 22.74 7.79 -29.79
CA LEU B 160 21.74 7.06 -29.00
C LEU B 160 21.79 7.40 -27.53
N LEU B 161 20.66 7.88 -27.05
CA LEU B 161 20.48 8.28 -25.67
C LEU B 161 19.58 7.37 -24.87
N PHE B 162 19.99 7.12 -23.64
CA PHE B 162 19.19 6.35 -22.72
C PHE B 162 18.65 7.23 -21.64
N GLY B 163 17.62 6.80 -21.01
CA GLY B 163 17.18 7.62 -19.94
C GLY B 163 15.92 7.08 -19.40
N THR B 164 15.56 7.65 -18.26
CA THR B 164 14.33 7.32 -17.60
C THR B 164 13.47 8.57 -17.75
N VAL B 165 12.25 8.53 -17.25
CA VAL B 165 11.37 9.67 -17.45
C VAL B 165 11.90 11.05 -17.04
N ASP B 166 12.59 11.13 -15.89
CA ASP B 166 13.21 12.35 -15.35
C ASP B 166 14.28 12.82 -16.35
N THR B 167 15.17 11.91 -16.72
CA THR B 167 16.18 12.17 -17.70
C THR B 167 15.55 12.65 -19.00
N TRP B 168 14.63 11.86 -19.56
CA TRP B 168 13.92 12.24 -20.76
C TRP B 168 13.16 13.56 -20.53
N LEU B 169 12.44 13.64 -19.46
CA LEU B 169 11.72 14.86 -19.20
C LEU B 169 12.65 16.09 -19.18
N ILE B 170 13.79 15.97 -18.49
CA ILE B 170 14.77 17.04 -18.43
C ILE B 170 15.26 17.44 -19.81
N TRP B 171 16.10 16.61 -20.44
CA TRP B 171 16.63 16.82 -21.81
C TRP B 171 15.62 17.44 -22.76
N LYS B 172 14.37 16.98 -22.76
CA LYS B 172 13.39 17.59 -23.67
C LYS B 172 13.10 19.03 -23.23
N MET B 173 13.48 19.41 -22.00
CA MET B 173 13.27 20.82 -21.56
C MET B 173 14.55 21.74 -21.71
N THR B 174 15.72 21.19 -21.34
CA THR B 174 17.00 21.84 -21.46
C THR B 174 17.47 21.59 -22.88
N GLN B 175 16.52 21.80 -23.76
CA GLN B 175 16.65 21.64 -25.19
C GLN B 175 17.74 20.69 -25.75
N GLY B 176 18.14 19.69 -24.98
CA GLY B 176 19.13 18.75 -25.49
C GLY B 176 20.46 18.93 -24.77
N ARG B 177 20.49 20.05 -24.04
CA ARG B 177 21.64 20.50 -23.26
C ARG B 177 22.04 19.48 -22.20
N VAL B 178 21.15 19.33 -21.21
CA VAL B 178 21.21 18.44 -20.04
C VAL B 178 20.84 16.99 -20.27
N HIS B 179 21.69 16.10 -19.77
CA HIS B 179 21.46 14.66 -19.76
C HIS B 179 21.82 14.18 -18.35
N VAL B 180 20.82 14.27 -17.52
CA VAL B 180 21.02 13.88 -16.17
C VAL B 180 19.82 13.12 -15.61
N THR B 181 20.11 12.16 -14.75
CA THR B 181 19.14 11.42 -14.00
C THR B 181 19.46 11.71 -12.52
N ASP B 182 18.62 11.40 -11.56
CA ASP B 182 19.01 11.70 -10.18
C ASP B 182 19.52 10.44 -9.57
N TYR B 183 19.81 10.53 -8.30
CA TYR B 183 20.34 9.37 -7.63
C TYR B 183 19.18 8.36 -7.50
N THR B 184 17.98 8.85 -7.08
CA THR B 184 16.85 7.94 -6.92
C THR B 184 16.56 7.11 -8.13
N ASN B 185 16.37 7.85 -9.23
CA ASN B 185 16.16 7.23 -10.53
C ASN B 185 17.15 6.14 -10.89
N ALA B 186 18.37 6.47 -10.85
CA ALA B 186 19.39 5.55 -11.22
C ALA B 186 19.44 4.19 -10.50
N SER B 187 19.16 4.22 -9.21
CA SER B 187 19.24 2.93 -8.48
C SER B 187 18.37 1.84 -9.11
N ARG B 188 17.32 2.29 -9.80
CA ARG B 188 16.27 1.50 -10.37
C ARG B 188 16.52 0.66 -11.61
N THR B 189 17.55 1.08 -12.24
CA THR B 189 18.05 0.68 -13.51
C THR B 189 18.71 -0.64 -13.59
N MET B 190 19.29 -1.10 -12.50
CA MET B 190 20.01 -2.39 -12.48
C MET B 190 21.42 -2.34 -13.08
N LEU B 191 21.85 -1.13 -13.43
CA LEU B 191 23.15 -0.82 -14.04
C LEU B 191 24.06 -0.06 -13.12
N PHE B 192 23.46 0.61 -12.15
CA PHE B 192 24.13 1.46 -11.19
C PHE B 192 24.43 0.76 -9.88
N ASN B 193 25.53 1.18 -9.23
CA ASN B 193 26.00 0.57 -7.99
C ASN B 193 25.69 1.39 -6.78
N ILE B 194 24.79 0.97 -5.93
CA ILE B 194 24.48 1.79 -4.78
C ILE B 194 25.55 2.02 -3.73
N HIS B 195 26.71 1.42 -3.77
CA HIS B 195 27.58 1.73 -2.66
C HIS B 195 28.63 2.68 -3.09
N THR B 196 29.12 2.25 -4.23
CA THR B 196 30.11 2.91 -5.02
C THR B 196 29.47 4.12 -5.62
N LEU B 197 28.17 4.17 -5.46
CA LEU B 197 27.42 5.25 -6.00
C LEU B 197 27.75 5.65 -7.45
N ASP B 198 28.08 4.64 -8.34
CA ASP B 198 28.32 4.88 -9.81
C ASP B 198 28.11 3.65 -10.64
N TRP B 199 27.74 3.91 -11.93
CA TRP B 199 27.55 2.85 -12.95
C TRP B 199 28.43 1.60 -12.75
N ASP B 200 27.81 0.44 -12.90
CA ASP B 200 28.52 -0.81 -12.71
C ASP B 200 29.17 -1.27 -13.97
N ASP B 201 30.47 -1.51 -13.91
CA ASP B 201 31.14 -1.92 -15.11
C ASP B 201 30.69 -3.30 -15.53
N LYS B 202 30.49 -4.13 -14.53
CA LYS B 202 30.00 -5.46 -14.82
C LYS B 202 28.65 -5.50 -15.54
N MET B 203 27.62 -4.90 -14.92
CA MET B 203 26.28 -4.84 -15.48
C MET B 203 26.38 -4.40 -16.91
N LEU B 204 26.98 -3.22 -17.07
CA LEU B 204 27.22 -2.60 -18.34
C LEU B 204 27.78 -3.59 -19.34
N GLU B 205 28.74 -4.37 -18.88
CA GLU B 205 29.31 -5.33 -19.80
C GLU B 205 28.33 -6.43 -20.13
N VAL B 206 28.12 -7.26 -19.14
CA VAL B 206 27.21 -8.37 -19.13
C VAL B 206 25.97 -8.13 -19.95
N LEU B 207 25.46 -6.93 -19.84
CA LEU B 207 24.27 -6.49 -20.54
C LEU B 207 24.64 -5.88 -21.88
N ASP B 208 25.89 -5.68 -22.09
CA ASP B 208 26.24 -5.08 -23.33
C ASP B 208 25.74 -3.67 -23.52
N ILE B 209 25.89 -2.91 -22.45
CA ILE B 209 25.52 -1.52 -22.48
C ILE B 209 26.75 -0.65 -22.48
N PRO B 210 26.59 0.44 -23.19
CA PRO B 210 27.61 1.41 -23.52
C PRO B 210 27.53 2.73 -22.79
N ARG B 211 28.48 2.89 -21.82
CA ARG B 211 28.63 4.05 -20.91
C ARG B 211 28.29 5.39 -21.55
N GLU B 212 28.40 5.34 -22.88
CA GLU B 212 28.13 6.41 -23.78
C GLU B 212 26.73 6.93 -23.63
N MET B 213 25.71 6.02 -23.56
CA MET B 213 24.32 6.48 -23.43
C MET B 213 23.92 6.97 -22.05
N LEU B 214 24.53 6.37 -21.01
CA LEU B 214 24.23 6.71 -19.62
C LEU B 214 24.35 8.19 -19.36
N PRO B 215 23.39 8.78 -18.61
CA PRO B 215 23.53 10.19 -18.38
C PRO B 215 24.34 10.48 -17.15
N GLU B 216 24.25 11.75 -16.93
CA GLU B 216 24.95 12.20 -15.83
C GLU B 216 24.11 12.01 -14.61
N VAL B 217 24.74 11.44 -13.60
CA VAL B 217 24.09 11.15 -12.35
C VAL B 217 24.40 12.14 -11.21
N ARG B 218 23.37 12.81 -10.75
CA ARG B 218 23.50 13.88 -9.77
C ARG B 218 22.50 13.93 -8.60
N ARG B 219 22.88 14.60 -7.52
CA ARG B 219 22.10 14.81 -6.31
C ARG B 219 20.60 15.04 -6.58
N SER B 220 19.74 14.65 -5.66
CA SER B 220 18.30 14.78 -5.86
C SER B 220 17.76 16.18 -5.64
N SER B 221 18.69 17.10 -5.32
CA SER B 221 18.51 18.55 -5.09
C SER B 221 19.82 19.22 -5.45
N GLU B 222 19.71 19.93 -6.57
CA GLU B 222 20.79 20.57 -7.23
C GLU B 222 20.18 21.30 -8.37
N VAL B 223 20.83 22.35 -8.86
CA VAL B 223 20.21 22.96 -10.02
C VAL B 223 20.71 22.25 -11.23
N TYR B 224 19.83 21.51 -11.87
CA TYR B 224 20.32 20.75 -13.01
C TYR B 224 20.61 21.69 -14.18
N GLY B 225 19.69 22.71 -14.29
CA GLY B 225 19.76 23.75 -15.31
C GLY B 225 18.57 24.71 -15.35
N GLN B 226 18.49 25.39 -16.48
CA GLN B 226 17.42 26.31 -16.72
C GLN B 226 16.60 25.95 -17.97
N THR B 227 15.31 26.32 -17.92
CA THR B 227 14.29 26.08 -18.94
C THR B 227 13.31 27.26 -19.07
N ASN B 228 12.73 27.35 -20.28
CA ASN B 228 11.86 28.46 -20.68
C ASN B 228 10.35 28.23 -20.80
N ILE B 229 9.66 28.62 -19.72
CA ILE B 229 8.22 28.55 -19.60
C ILE B 229 7.68 29.92 -20.11
N ILE B 237 12.10 28.64 -13.93
CA ILE B 237 13.08 28.50 -14.99
C ILE B 237 14.22 27.55 -14.64
N PRO B 238 14.72 27.50 -13.43
CA PRO B 238 15.76 26.50 -13.29
C PRO B 238 15.12 25.17 -12.82
N ILE B 239 15.83 24.10 -12.96
CA ILE B 239 15.28 22.86 -12.49
C ILE B 239 16.18 22.30 -11.44
N SER B 240 15.72 22.49 -10.22
CA SER B 240 16.45 22.15 -9.04
C SER B 240 16.13 20.83 -8.42
N GLY B 241 15.06 20.18 -8.86
CA GLY B 241 14.66 18.93 -8.23
C GLY B 241 14.40 17.73 -9.14
N ILE B 242 14.72 16.55 -8.59
CA ILE B 242 14.53 15.29 -9.26
C ILE B 242 14.54 14.15 -8.30
N ALA B 243 13.47 13.39 -8.35
CA ALA B 243 13.47 12.17 -7.58
C ALA B 243 12.42 11.18 -8.05
N GLY B 244 12.75 9.88 -8.07
CA GLY B 244 11.76 8.86 -8.45
C GLY B 244 10.49 9.05 -7.62
N ASP B 245 9.32 8.92 -8.27
CA ASP B 245 8.08 9.14 -7.57
C ASP B 245 7.91 8.59 -6.15
N GLN B 246 8.00 7.27 -6.00
CA GLN B 246 7.86 6.65 -4.69
C GLN B 246 8.66 7.36 -3.59
N GLN B 247 9.93 7.65 -3.93
CA GLN B 247 10.87 8.41 -3.10
C GLN B 247 10.45 9.90 -2.84
N ALA B 248 9.87 10.54 -3.85
CA ALA B 248 9.44 11.90 -3.65
C ALA B 248 8.24 11.87 -2.75
N ALA B 249 7.68 10.71 -2.51
CA ALA B 249 6.55 10.77 -1.67
C ALA B 249 7.02 10.43 -0.29
N LEU B 250 8.09 9.63 -0.23
CA LEU B 250 8.67 9.27 1.05
C LEU B 250 9.01 10.56 1.75
N PHE B 251 9.61 11.41 0.90
CA PHE B 251 10.05 12.74 1.20
C PHE B 251 8.94 13.67 1.61
N GLY B 252 7.96 13.86 0.76
CA GLY B 252 6.87 14.73 1.16
C GLY B 252 6.18 14.29 2.49
N GLN B 253 6.29 13.00 2.84
CA GLN B 253 5.73 12.53 4.10
C GLN B 253 6.72 12.82 5.21
N LEU B 254 7.85 13.31 4.75
CA LEU B 254 8.84 13.64 5.69
C LEU B 254 9.46 12.39 6.27
N CYS B 255 9.59 11.36 5.36
CA CYS B 255 10.28 10.08 5.52
C CYS B 255 11.50 10.53 6.24
N VAL B 256 12.49 10.71 5.44
CA VAL B 256 13.63 11.41 5.97
C VAL B 256 14.44 10.85 7.16
N LYS B 257 13.79 10.19 8.15
CA LYS B 257 14.52 9.60 9.31
C LYS B 257 14.43 8.07 9.42
N GLU B 258 15.40 7.46 10.08
CA GLU B 258 15.43 6.01 10.21
C GLU B 258 14.17 5.43 10.73
N GLY B 259 13.85 4.29 10.16
CA GLY B 259 12.65 3.61 10.53
C GLY B 259 11.40 4.36 10.11
N MET B 260 11.51 5.49 9.40
CA MET B 260 10.26 6.14 9.02
C MET B 260 9.70 5.54 7.73
N ALA B 261 8.34 5.32 7.71
CA ALA B 261 7.65 4.69 6.54
C ALA B 261 6.27 5.14 6.12
N LYS B 262 6.07 5.01 4.78
CA LYS B 262 4.79 5.28 4.09
C LYS B 262 4.42 4.22 3.06
N ASN B 263 3.15 4.26 2.67
CA ASN B 263 2.66 3.39 1.61
C ASN B 263 1.88 4.21 0.67
N THR B 264 2.28 4.09 -0.61
CA THR B 264 1.60 4.81 -1.65
C THR B 264 0.73 3.97 -2.49
N TYR B 265 -0.52 4.41 -2.51
CA TYR B 265 -1.55 3.72 -3.25
C TYR B 265 -1.91 4.43 -4.52
N GLY B 266 -1.29 3.98 -5.62
CA GLY B 266 -1.59 4.55 -6.92
C GLY B 266 -1.73 3.46 -7.92
N THR B 267 -1.12 3.64 -9.11
CA THR B 267 -1.18 2.67 -10.14
C THR B 267 -0.74 1.40 -9.50
N GLY B 268 0.34 1.50 -8.73
CA GLY B 268 0.80 0.32 -7.99
C GLY B 268 0.74 0.67 -6.53
N CYS B 269 1.46 -0.09 -5.74
CA CYS B 269 1.55 0.16 -4.33
C CYS B 269 3.01 0.19 -3.91
N PHE B 270 3.48 1.26 -3.29
CA PHE B 270 4.89 1.22 -2.91
C PHE B 270 5.07 1.58 -1.51
N MET B 271 5.71 0.61 -0.84
CA MET B 271 5.97 0.74 0.56
C MET B 271 7.43 0.87 0.87
N LEU B 272 7.74 2.02 1.44
CA LEU B 272 9.14 2.29 1.72
C LEU B 272 9.48 2.75 3.13
N MET B 273 10.68 2.39 3.55
CA MET B 273 11.14 2.83 4.84
C MET B 273 12.55 3.32 4.80
N ASN B 274 12.71 4.48 5.38
CA ASN B 274 13.99 5.10 5.40
C ASN B 274 14.90 4.38 6.34
N THR B 275 16.04 4.03 5.78
CA THR B 275 17.02 3.37 6.60
C THR B 275 18.30 4.16 6.72
N GLY B 276 18.04 5.43 6.92
CA GLY B 276 19.04 6.41 7.09
C GLY B 276 20.20 6.23 6.17
N GLU B 277 21.30 5.84 6.78
CA GLU B 277 22.51 5.70 6.00
C GLU B 277 22.96 4.30 5.98
N LYS B 278 22.04 3.40 6.20
CA LYS B 278 22.49 2.06 6.20
C LYS B 278 21.76 1.22 5.18
N ALA B 279 22.55 0.55 4.37
CA ALA B 279 21.95 -0.23 3.35
C ALA B 279 21.64 -1.55 3.91
N VAL B 280 20.41 -1.65 4.41
CA VAL B 280 19.91 -2.88 4.94
C VAL B 280 19.72 -3.85 3.83
N LYS B 281 20.13 -5.08 4.11
CA LYS B 281 20.08 -6.14 3.15
C LYS B 281 18.84 -6.93 3.37
N SER B 282 17.98 -6.90 2.36
CA SER B 282 16.74 -7.60 2.52
C SER B 282 16.86 -9.08 2.44
N GLU B 283 16.28 -9.74 3.42
CA GLU B 283 16.29 -11.18 3.38
C GLU B 283 14.86 -11.63 3.19
N ASN B 284 13.94 -10.72 2.87
CA ASN B 284 12.54 -11.08 2.79
C ASN B 284 11.75 -10.67 1.54
N GLY B 285 12.38 -10.69 0.36
CA GLY B 285 11.69 -10.31 -0.89
C GLY B 285 11.59 -8.81 -1.13
N LEU B 286 12.41 -8.06 -0.40
CA LEU B 286 12.41 -6.63 -0.53
C LEU B 286 13.62 -6.02 -1.24
N LEU B 287 13.47 -4.75 -1.64
CA LEU B 287 14.46 -3.96 -2.36
C LEU B 287 15.24 -2.99 -1.49
N THR B 288 16.55 -3.00 -1.65
CA THR B 288 17.38 -2.02 -1.00
C THR B 288 17.62 -0.92 -2.04
N THR B 289 17.26 0.28 -1.75
CA THR B 289 17.36 1.30 -2.77
C THR B 289 17.57 2.65 -2.09
N ILE B 290 17.71 3.70 -2.91
CA ILE B 290 17.98 5.00 -2.39
C ILE B 290 16.85 5.97 -2.29
N ALA B 291 16.90 6.76 -1.22
CA ALA B 291 15.97 7.80 -0.91
C ALA B 291 16.76 8.95 -0.45
N CYS B 292 16.02 9.87 0.12
CA CYS B 292 16.67 11.04 0.64
C CYS B 292 16.57 11.31 2.11
N GLY B 293 17.63 11.97 2.52
CA GLY B 293 17.78 12.50 3.82
C GLY B 293 17.47 13.99 3.66
N PRO B 294 17.01 14.57 4.73
CA PRO B 294 16.60 15.96 4.87
C PRO B 294 17.13 17.07 3.96
N THR B 295 18.20 16.85 3.21
CA THR B 295 18.67 17.95 2.41
C THR B 295 18.69 17.51 1.01
N GLY B 296 18.07 16.37 0.87
CA GLY B 296 18.05 15.77 -0.43
C GLY B 296 19.31 14.93 -0.54
N GLU B 297 19.88 14.61 0.60
CA GLU B 297 21.03 13.79 0.41
C GLU B 297 20.65 12.36 0.40
N VAL B 298 21.57 11.67 -0.16
CA VAL B 298 21.44 10.27 -0.22
C VAL B 298 21.23 9.62 1.10
N ASN B 299 20.18 8.79 1.12
CA ASN B 299 19.82 7.91 2.19
C ASN B 299 19.50 6.56 1.57
N TYR B 300 19.51 5.52 2.37
CA TYR B 300 19.10 4.23 1.89
C TYR B 300 17.67 3.93 2.32
N ALA B 301 17.17 2.78 1.93
CA ALA B 301 15.80 2.46 2.25
C ALA B 301 15.37 1.12 1.77
N LEU B 302 14.33 0.61 2.43
CA LEU B 302 13.74 -0.66 2.08
C LEU B 302 12.47 -0.39 1.27
N GLU B 303 12.30 -1.09 0.13
CA GLU B 303 11.09 -0.89 -0.67
C GLU B 303 10.36 -2.16 -1.09
N GLY B 304 9.05 -2.09 -1.04
CA GLY B 304 8.16 -3.16 -1.40
C GLY B 304 7.32 -2.66 -2.57
N ALA B 305 7.50 -3.34 -3.69
CA ALA B 305 6.75 -2.99 -4.85
C ALA B 305 5.75 -4.08 -5.17
N VAL B 306 4.58 -3.51 -5.50
CA VAL B 306 3.33 -4.16 -5.83
C VAL B 306 2.77 -3.47 -7.05
N PHE B 307 2.76 -4.25 -8.13
CA PHE B 307 2.41 -3.77 -9.42
C PHE B 307 1.02 -3.31 -9.61
N MET B 308 0.12 -4.05 -9.09
CA MET B 308 -1.23 -3.64 -9.39
C MET B 308 -2.01 -3.20 -8.17
N ALA B 309 -2.59 -1.98 -8.19
CA ALA B 309 -3.47 -1.47 -7.11
C ALA B 309 -4.58 -0.67 -7.76
N GLY B 310 -4.39 0.61 -7.83
CA GLY B 310 -5.36 1.42 -8.53
C GLY B 310 -5.63 0.93 -9.97
N ALA B 311 -4.62 0.36 -10.63
CA ALA B 311 -4.83 -0.20 -11.97
C ALA B 311 -6.09 -1.07 -12.07
N SER B 312 -6.25 -1.98 -11.10
CA SER B 312 -7.36 -2.90 -11.09
C SER B 312 -8.65 -2.18 -11.15
N ILE B 313 -8.70 -1.12 -10.42
CA ILE B 313 -9.90 -0.40 -10.48
C ILE B 313 -10.15 0.11 -11.87
N GLN B 314 -9.09 0.63 -12.46
CA GLN B 314 -9.18 1.10 -13.80
C GLN B 314 -9.64 -0.07 -14.66
N TRP B 315 -9.13 -1.26 -14.34
CA TRP B 315 -9.52 -2.42 -15.15
C TRP B 315 -11.01 -2.65 -15.13
N LEU B 316 -11.55 -2.77 -13.88
CA LEU B 316 -12.96 -2.85 -13.75
C LEU B 316 -13.53 -1.63 -14.45
N ARG B 317 -12.93 -0.52 -14.24
CA ARG B 317 -13.55 0.59 -14.90
C ARG B 317 -13.50 0.66 -16.40
N ASP B 318 -12.35 0.35 -16.97
CA ASP B 318 -12.23 0.59 -18.40
C ASP B 318 -12.43 -0.57 -19.36
N GLU B 319 -12.01 -1.82 -19.02
CA GLU B 319 -12.18 -2.99 -19.87
C GLU B 319 -13.36 -3.80 -19.44
N MET B 320 -13.40 -4.11 -18.16
CA MET B 320 -14.48 -4.91 -17.65
C MET B 320 -15.73 -4.08 -17.77
N LYS B 321 -15.61 -2.83 -17.57
CA LYS B 321 -16.81 -2.03 -17.68
C LYS B 321 -17.89 -2.14 -16.61
N LEU B 322 -17.57 -2.64 -15.43
CA LEU B 322 -18.50 -2.69 -14.28
C LEU B 322 -18.83 -1.37 -13.57
N ILE B 323 -17.94 -0.38 -13.68
CA ILE B 323 -18.10 0.94 -13.05
C ILE B 323 -17.75 2.07 -13.97
N ASN B 324 -18.40 3.23 -13.76
CA ASN B 324 -18.12 4.40 -14.62
C ASN B 324 -16.93 5.22 -14.18
N ASP B 325 -16.77 5.22 -12.81
CA ASP B 325 -15.72 5.87 -12.01
C ASP B 325 -15.17 4.99 -10.96
N ALA B 326 -13.92 5.18 -10.71
CA ALA B 326 -13.31 4.41 -9.68
C ALA B 326 -13.84 4.85 -8.35
N TYR B 327 -14.46 5.96 -8.36
CA TYR B 327 -14.91 6.43 -7.12
C TYR B 327 -16.01 5.55 -6.62
N ASP B 328 -16.91 5.18 -7.53
CA ASP B 328 -18.03 4.29 -7.37
C ASP B 328 -17.71 2.96 -6.70
N SER B 329 -16.51 2.46 -6.88
CA SER B 329 -16.16 1.20 -6.19
C SER B 329 -16.52 1.11 -4.67
N GLU B 330 -16.47 2.24 -3.98
CA GLU B 330 -16.77 2.23 -2.58
C GLU B 330 -18.20 1.87 -2.51
N TYR B 331 -18.99 2.62 -3.22
CA TYR B 331 -20.39 2.37 -3.14
C TYR B 331 -20.84 0.98 -3.50
N PHE B 332 -20.39 0.44 -4.55
CA PHE B 332 -20.79 -0.91 -4.78
C PHE B 332 -20.15 -1.91 -3.83
N ALA B 333 -18.88 -1.76 -3.55
CA ALA B 333 -18.25 -2.78 -2.73
C ALA B 333 -18.94 -2.84 -1.39
N THR B 334 -19.58 -1.76 -1.05
CA THR B 334 -20.22 -1.73 0.24
C THR B 334 -21.62 -2.21 0.27
N LYS B 335 -22.12 -2.47 -0.89
CA LYS B 335 -23.40 -3.03 -0.92
C LYS B 335 -23.30 -4.49 -0.57
N VAL B 336 -22.12 -5.00 -0.12
CA VAL B 336 -22.02 -6.42 0.09
C VAL B 336 -21.46 -7.12 1.25
N GLN B 337 -20.92 -6.50 2.21
CA GLN B 337 -20.57 -7.37 3.33
C GLN B 337 -19.54 -8.42 3.19
N ASN B 338 -19.51 -9.12 2.08
CA ASN B 338 -18.47 -10.14 1.93
C ASN B 338 -18.14 -10.33 0.47
N THR B 339 -16.98 -10.90 0.12
CA THR B 339 -16.78 -11.07 -1.31
C THR B 339 -17.50 -12.34 -1.69
N ASN B 340 -18.15 -12.92 -0.68
CA ASN B 340 -18.89 -14.10 -0.92
C ASN B 340 -17.98 -15.28 -1.35
N GLY B 341 -16.74 -15.27 -0.87
CA GLY B 341 -15.79 -16.35 -1.16
C GLY B 341 -14.75 -16.04 -2.20
N VAL B 342 -15.07 -15.00 -2.99
CA VAL B 342 -14.22 -14.62 -4.06
C VAL B 342 -12.94 -13.97 -3.72
N TYR B 343 -11.98 -14.34 -4.52
CA TYR B 343 -10.69 -13.72 -4.48
C TYR B 343 -10.23 -13.28 -5.87
N VAL B 344 -9.56 -12.10 -5.95
CA VAL B 344 -8.98 -11.54 -7.19
C VAL B 344 -7.47 -11.40 -7.00
N VAL B 345 -6.61 -12.22 -7.62
CA VAL B 345 -5.13 -12.02 -7.53
C VAL B 345 -4.69 -11.12 -8.70
N PRO B 346 -4.43 -9.82 -8.52
CA PRO B 346 -4.16 -9.05 -9.71
C PRO B 346 -2.72 -9.01 -10.20
N ALA B 347 -2.26 -10.16 -10.63
CA ALA B 347 -0.95 -10.27 -11.21
C ALA B 347 -1.03 -10.01 -12.72
N PHE B 348 -1.71 -8.91 -13.11
CA PHE B 348 -1.90 -8.64 -14.52
C PHE B 348 -0.67 -8.53 -15.35
N THR B 349 0.41 -8.24 -14.64
CA THR B 349 1.75 -8.00 -15.17
C THR B 349 2.75 -8.57 -14.19
N GLY B 350 2.60 -9.86 -13.85
CA GLY B 350 3.45 -10.62 -12.91
C GLY B 350 3.14 -10.29 -11.42
N LEU B 351 3.98 -10.86 -10.52
CA LEU B 351 3.91 -10.61 -9.10
C LEU B 351 5.19 -9.96 -8.67
N GLY B 352 5.07 -8.96 -7.85
CA GLY B 352 6.24 -8.26 -7.43
C GLY B 352 6.65 -8.70 -6.08
N ALA B 353 6.95 -7.75 -5.18
CA ALA B 353 7.33 -8.22 -3.88
C ALA B 353 6.14 -8.79 -3.22
N PRO B 354 6.42 -9.85 -2.54
CA PRO B 354 7.76 -10.34 -2.48
C PRO B 354 7.80 -11.57 -3.28
N TYR B 355 6.85 -11.69 -4.16
CA TYR B 355 6.79 -12.88 -4.95
C TYR B 355 7.79 -12.78 -6.10
N TRP B 356 7.68 -11.74 -6.95
CA TRP B 356 8.63 -11.59 -8.06
C TRP B 356 8.51 -12.79 -8.96
N ASP B 357 7.37 -12.89 -9.63
CA ASP B 357 7.11 -13.98 -10.53
C ASP B 357 6.40 -13.37 -11.66
N PRO B 358 7.18 -13.14 -12.69
CA PRO B 358 6.82 -12.52 -13.93
C PRO B 358 6.02 -13.48 -14.78
N TYR B 359 5.76 -14.60 -14.16
CA TYR B 359 5.00 -15.63 -14.80
C TYR B 359 3.64 -15.76 -14.36
N ALA B 360 3.39 -15.45 -13.12
CA ALA B 360 2.02 -15.49 -12.66
C ALA B 360 1.20 -14.52 -13.53
N ARG B 361 -0.14 -14.75 -13.63
CA ARG B 361 -1.07 -13.87 -14.34
C ARG B 361 -2.36 -13.68 -13.56
N GLY B 362 -3.11 -12.70 -13.92
CA GLY B 362 -4.32 -12.52 -13.15
C GLY B 362 -5.28 -13.71 -13.11
N ALA B 363 -5.81 -13.94 -11.96
CA ALA B 363 -6.77 -15.00 -11.76
C ALA B 363 -7.91 -14.56 -10.86
N ILE B 364 -9.08 -15.25 -10.94
CA ILE B 364 -10.17 -15.00 -10.03
C ILE B 364 -10.60 -16.28 -9.38
N PHE B 365 -10.94 -16.25 -8.10
CA PHE B 365 -11.35 -17.50 -7.54
C PHE B 365 -12.50 -17.51 -6.55
N GLY B 366 -12.99 -18.74 -6.35
CA GLY B 366 -14.02 -19.05 -5.41
C GLY B 366 -15.38 -18.65 -5.91
N LEU B 367 -15.55 -18.75 -7.21
CA LEU B 367 -16.82 -18.36 -7.75
C LEU B 367 -17.82 -19.48 -7.73
N THR B 368 -19.09 -19.04 -7.46
CA THR B 368 -20.29 -19.87 -7.46
C THR B 368 -21.46 -19.09 -8.03
N ARG B 369 -22.53 -19.76 -8.41
CA ARG B 369 -23.63 -19.07 -9.03
C ARG B 369 -24.18 -17.87 -8.35
N GLY B 370 -24.04 -17.80 -7.04
CA GLY B 370 -24.63 -16.63 -6.40
C GLY B 370 -23.78 -15.35 -6.44
N VAL B 371 -22.48 -15.44 -6.82
CA VAL B 371 -21.55 -14.32 -6.92
C VAL B 371 -21.85 -13.35 -8.02
N ASN B 372 -21.84 -12.07 -7.73
CA ASN B 372 -22.13 -11.10 -8.75
C ASN B 372 -21.08 -10.01 -8.79
N ALA B 373 -21.36 -9.00 -9.60
CA ALA B 373 -20.50 -7.88 -9.83
C ALA B 373 -19.97 -7.22 -8.62
N ASN B 374 -20.85 -6.95 -7.66
CA ASN B 374 -20.33 -6.34 -6.48
C ASN B 374 -19.35 -7.21 -5.70
N HIS B 375 -19.45 -8.55 -5.71
CA HIS B 375 -18.46 -9.36 -4.98
C HIS B 375 -17.13 -9.10 -5.55
N ILE B 376 -17.16 -9.18 -6.87
CA ILE B 376 -16.03 -8.97 -7.69
C ILE B 376 -15.30 -7.65 -7.51
N ILE B 377 -16.03 -6.56 -7.55
CA ILE B 377 -15.37 -5.31 -7.33
C ILE B 377 -14.61 -5.26 -6.02
N ARG B 378 -15.37 -5.54 -5.02
CA ARG B 378 -14.82 -5.53 -3.72
C ARG B 378 -13.60 -6.44 -3.55
N ALA B 379 -13.62 -7.46 -4.31
CA ALA B 379 -12.55 -8.36 -4.19
C ALA B 379 -11.31 -7.72 -4.70
N THR B 380 -11.53 -6.90 -5.73
CA THR B 380 -10.47 -6.19 -6.35
C THR B 380 -10.00 -5.25 -5.32
N LEU B 381 -10.91 -4.50 -4.70
CA LEU B 381 -10.47 -3.60 -3.62
C LEU B 381 -9.72 -4.35 -2.55
N GLU B 382 -10.19 -5.49 -2.22
CA GLU B 382 -9.47 -6.19 -1.20
C GLU B 382 -8.04 -6.53 -1.53
N SER B 383 -7.81 -6.90 -2.80
CA SER B 383 -6.49 -7.34 -3.20
C SER B 383 -5.47 -6.36 -2.74
N ILE B 384 -5.92 -5.10 -2.86
CA ILE B 384 -5.08 -4.00 -2.43
C ILE B 384 -4.47 -4.17 -1.01
N ALA B 385 -5.32 -4.25 -0.03
CA ALA B 385 -4.87 -4.45 1.30
C ALA B 385 -4.19 -5.74 1.47
N TYR B 386 -4.51 -6.72 0.67
CA TYR B 386 -3.79 -7.94 0.93
C TYR B 386 -2.37 -7.79 0.54
N GLN B 387 -2.20 -7.29 -0.62
CA GLN B 387 -0.86 -7.12 -1.10
C GLN B 387 -0.05 -6.25 -0.16
N THR B 388 -0.73 -5.22 0.28
CA THR B 388 -0.11 -4.31 1.16
C THR B 388 0.35 -5.02 2.35
N ARG B 389 -0.53 -5.77 2.86
CA ARG B 389 -0.11 -6.49 3.98
C ARG B 389 1.00 -7.47 3.71
N ASP B 390 1.04 -8.03 2.52
CA ASP B 390 2.13 -8.97 2.28
C ASP B 390 3.43 -8.24 2.42
N VAL B 391 3.43 -7.09 1.79
CA VAL B 391 4.63 -6.35 1.75
C VAL B 391 5.05 -5.91 3.10
N LEU B 392 4.07 -5.60 3.87
CA LEU B 392 4.42 -5.13 5.15
C LEU B 392 5.09 -6.13 6.06
N GLU B 393 4.57 -7.30 6.07
CA GLU B 393 5.13 -8.26 6.98
C GLU B 393 6.60 -8.46 6.66
N ALA B 394 6.89 -8.42 5.38
CA ALA B 394 8.24 -8.53 4.94
C ALA B 394 9.08 -7.41 5.55
N MET B 395 8.54 -6.22 5.36
CA MET B 395 9.16 -5.00 5.80
C MET B 395 9.53 -5.11 7.25
N GLN B 396 8.65 -5.72 8.00
CA GLN B 396 8.90 -5.80 9.39
C GLN B 396 10.00 -6.74 9.74
N ALA B 397 9.90 -7.95 9.24
CA ALA B 397 10.87 -8.98 9.49
C ALA B 397 12.28 -8.52 9.19
N ASP B 398 12.37 -7.85 8.05
CA ASP B 398 13.60 -7.39 7.51
C ASP B 398 14.34 -6.41 8.37
N SER B 399 13.56 -5.44 8.82
CA SER B 399 13.98 -4.31 9.60
C SER B 399 13.77 -4.52 11.05
N GLY B 400 13.38 -5.70 11.43
CA GLY B 400 13.10 -5.90 12.86
C GLY B 400 12.14 -4.92 13.59
N ILE B 401 11.60 -3.90 12.93
CA ILE B 401 10.68 -2.94 13.56
C ILE B 401 9.19 -3.26 13.32
N ARG B 402 8.36 -2.96 14.29
CA ARG B 402 6.92 -3.17 14.22
C ARG B 402 6.13 -1.86 14.12
N LEU B 403 5.58 -1.61 12.95
CA LEU B 403 4.85 -0.40 12.76
C LEU B 403 3.68 -0.45 13.63
N HIS B 404 3.32 0.76 14.04
CA HIS B 404 2.16 1.04 14.87
C HIS B 404 1.10 1.78 14.16
N ALA B 405 1.53 2.46 13.08
CA ALA B 405 0.68 3.13 12.13
C ALA B 405 1.27 3.09 10.76
N LEU B 406 0.36 3.25 9.83
CA LEU B 406 0.78 3.31 8.50
C LEU B 406 0.45 4.64 7.92
N ARG B 407 1.48 5.37 7.56
CA ARG B 407 1.11 6.61 6.97
C ARG B 407 0.81 6.33 5.52
N VAL B 408 -0.18 6.96 4.95
CA VAL B 408 -0.40 6.58 3.56
C VAL B 408 -0.73 7.75 2.73
N ASP B 409 -0.79 7.46 1.49
CA ASP B 409 -1.14 8.48 0.56
C ASP B 409 -1.25 7.83 -0.79
N GLY B 410 -1.83 8.57 -1.72
CA GLY B 410 -1.97 8.00 -3.04
C GLY B 410 -3.32 8.37 -3.53
N GLY B 411 -3.72 7.95 -4.70
CA GLY B 411 -5.05 8.33 -5.15
C GLY B 411 -6.18 7.46 -4.62
N ALA B 412 -5.90 6.21 -4.54
CA ALA B 412 -6.84 5.30 -4.03
C ALA B 412 -7.13 5.61 -2.57
N VAL B 413 -6.31 6.40 -1.93
CA VAL B 413 -6.53 6.57 -0.48
C VAL B 413 -7.74 7.33 -0.01
N ALA B 414 -8.58 7.73 -0.95
CA ALA B 414 -9.84 8.45 -0.68
C ALA B 414 -11.04 7.51 -0.35
N ASN B 415 -10.71 6.19 -0.45
CA ASN B 415 -11.62 5.08 -0.25
C ASN B 415 -11.68 4.61 1.19
N ASN B 416 -12.63 5.25 1.83
CA ASN B 416 -12.93 4.98 3.19
C ASN B 416 -12.96 3.47 3.41
N PHE B 417 -13.71 2.82 2.59
CA PHE B 417 -13.76 1.40 2.64
C PHE B 417 -12.43 0.69 2.57
N LEU B 418 -11.73 0.96 1.53
CA LEU B 418 -10.45 0.32 1.41
C LEU B 418 -9.54 0.72 2.59
N MET B 419 -9.56 1.99 2.90
CA MET B 419 -8.76 2.46 3.98
C MET B 419 -8.97 1.68 5.23
N GLN B 420 -10.23 1.67 5.59
CA GLN B 420 -10.59 0.96 6.75
C GLN B 420 -10.26 -0.50 6.71
N PHE B 421 -10.77 -1.13 5.67
CA PHE B 421 -10.50 -2.53 5.46
C PHE B 421 -9.00 -2.78 5.57
N GLN B 422 -8.22 -1.81 5.08
CA GLN B 422 -6.79 -1.95 5.16
C GLN B 422 -6.35 -2.02 6.55
N SER B 423 -6.99 -1.15 7.32
CA SER B 423 -6.70 -1.09 8.71
C SER B 423 -7.03 -2.40 9.46
N ASP B 424 -8.27 -2.88 9.31
CA ASP B 424 -8.74 -4.12 9.95
C ASP B 424 -7.81 -5.28 9.61
N ILE B 425 -7.59 -5.40 8.34
CA ILE B 425 -6.81 -6.52 7.89
C ILE B 425 -5.37 -6.55 8.35
N LEU B 426 -4.88 -5.40 8.82
CA LEU B 426 -3.52 -5.30 9.33
C LEU B 426 -3.50 -5.45 10.84
N GLY B 427 -4.57 -4.85 11.40
CA GLY B 427 -4.80 -4.72 12.80
C GLY B 427 -3.84 -3.64 13.23
N THR B 428 -4.00 -2.52 12.57
CA THR B 428 -3.13 -1.40 12.76
C THR B 428 -3.86 -0.16 12.31
N ARG B 429 -3.49 0.92 12.93
CA ARG B 429 -4.13 2.16 12.58
C ARG B 429 -3.60 2.60 11.23
N VAL B 430 -4.36 3.42 10.56
CA VAL B 430 -3.97 3.93 9.28
C VAL B 430 -4.14 5.45 9.23
N GLU B 431 -3.04 6.13 9.01
CA GLU B 431 -3.18 7.55 8.96
C GLU B 431 -3.14 8.16 7.63
N ARG B 432 -4.29 8.72 7.40
CA ARG B 432 -4.47 9.34 6.17
C ARG B 432 -4.31 10.80 6.30
N PRO B 433 -3.29 11.30 5.58
CA PRO B 433 -2.90 12.70 5.44
C PRO B 433 -3.91 13.52 4.70
N GLU B 434 -4.02 14.75 5.13
CA GLU B 434 -4.98 15.70 4.60
C GLU B 434 -4.77 16.19 3.17
N VAL B 435 -3.55 16.10 2.66
CA VAL B 435 -3.29 16.41 1.28
C VAL B 435 -2.85 15.09 0.67
N ARG B 436 -3.60 14.57 -0.30
CA ARG B 436 -3.27 13.26 -0.84
C ARG B 436 -2.11 13.27 -1.83
N GLU B 437 -1.98 14.44 -2.56
CA GLU B 437 -1.03 14.81 -3.64
C GLU B 437 0.40 15.09 -3.20
N VAL B 438 0.89 14.17 -2.39
CA VAL B 438 2.19 14.20 -1.75
C VAL B 438 3.35 13.92 -2.64
N THR B 439 3.17 13.03 -3.58
CA THR B 439 4.29 12.73 -4.43
C THR B 439 4.81 13.98 -5.08
N ALA B 440 3.87 14.88 -5.34
CA ALA B 440 4.18 16.16 -5.94
C ALA B 440 5.02 17.00 -4.99
N LEU B 441 4.39 17.31 -3.87
CA LEU B 441 4.93 18.06 -2.77
C LEU B 441 6.39 17.78 -2.59
N GLY B 442 6.70 16.51 -2.61
CA GLY B 442 8.07 16.03 -2.46
C GLY B 442 9.02 16.72 -3.42
N ALA B 443 8.79 16.57 -4.73
CA ALA B 443 9.61 17.24 -5.72
C ALA B 443 9.80 18.71 -5.41
N ALA B 444 8.70 19.36 -5.06
CA ALA B 444 8.73 20.76 -4.78
C ALA B 444 9.77 21.16 -3.76
N TYR B 445 9.67 20.55 -2.61
CA TYR B 445 10.60 20.78 -1.54
C TYR B 445 11.99 20.61 -2.08
N LEU B 446 12.25 19.42 -2.62
CA LEU B 446 13.56 19.16 -3.20
C LEU B 446 13.97 20.29 -4.14
N ALA B 447 12.96 20.90 -4.74
CA ALA B 447 13.22 21.99 -5.62
C ALA B 447 13.45 23.25 -4.84
N GLY B 448 12.41 23.66 -4.12
CA GLY B 448 12.45 24.83 -3.27
C GLY B 448 13.73 24.81 -2.46
N LEU B 449 13.92 23.86 -1.56
CA LEU B 449 15.11 23.73 -0.73
C LEU B 449 16.37 24.00 -1.47
N ALA B 450 16.43 23.36 -2.57
CA ALA B 450 17.65 23.44 -3.29
C ALA B 450 17.88 24.79 -3.81
N VAL B 451 16.84 25.57 -3.72
CA VAL B 451 16.83 26.94 -4.26
C VAL B 451 16.71 28.00 -3.17
N GLY B 452 16.86 27.60 -1.94
CA GLY B 452 16.68 28.61 -0.94
C GLY B 452 15.22 29.06 -0.90
N PHE B 453 14.33 28.37 -1.66
CA PHE B 453 12.92 28.69 -1.62
C PHE B 453 12.41 28.47 -0.19
N TRP B 454 13.08 27.52 0.54
CA TRP B 454 12.66 27.12 1.90
C TRP B 454 13.67 27.06 3.06
N GLN B 455 14.91 26.66 2.77
CA GLN B 455 15.94 26.56 3.82
C GLN B 455 15.76 25.34 4.71
N ASN B 456 14.63 25.25 5.38
CA ASN B 456 14.50 24.14 6.26
C ASN B 456 13.22 23.38 6.22
N LEU B 457 13.41 22.06 6.26
CA LEU B 457 12.34 21.13 6.27
C LEU B 457 11.46 21.52 7.40
N ASP B 458 12.12 22.02 8.41
CA ASP B 458 11.38 22.38 9.57
C ASP B 458 10.39 23.45 9.32
N GLU B 459 10.72 24.33 8.35
CA GLU B 459 9.81 25.41 7.96
C GLU B 459 8.37 24.85 7.72
N LEU B 460 8.34 23.50 7.47
CA LEU B 460 7.18 22.68 7.08
C LEU B 460 6.66 21.48 7.93
N GLN B 461 7.16 21.21 9.14
CA GLN B 461 6.54 20.14 9.91
C GLN B 461 5.21 20.74 10.44
N GLU B 462 4.39 21.16 9.48
CA GLU B 462 3.13 21.85 9.72
C GLU B 462 2.10 21.61 8.58
N LYS B 463 2.49 21.62 7.27
CA LYS B 463 1.48 21.35 6.21
C LYS B 463 0.95 19.88 6.28
N ALA B 464 1.68 19.05 7.11
CA ALA B 464 1.46 17.63 7.35
C ALA B 464 0.49 17.20 8.47
N VAL B 465 -0.68 17.79 8.32
CA VAL B 465 -1.83 17.54 9.11
C VAL B 465 -2.34 16.15 8.82
N ILE B 466 -2.82 15.47 9.86
CA ILE B 466 -3.48 14.21 9.59
C ILE B 466 -4.95 14.50 9.52
N GLU B 467 -5.55 13.98 8.51
CA GLU B 467 -6.92 14.20 8.22
C GLU B 467 -7.72 13.09 8.79
N ARG B 468 -7.15 11.91 8.85
CA ARG B 468 -7.95 10.86 9.37
C ARG B 468 -7.21 9.67 9.80
N GLU B 469 -7.85 9.12 10.85
CA GLU B 469 -7.36 7.92 11.39
C GLU B 469 -8.34 6.79 11.28
N PHE B 470 -7.82 5.76 10.71
CA PHE B 470 -8.61 4.56 10.64
C PHE B 470 -8.11 3.61 11.72
N ARG B 471 -9.02 3.07 12.51
CA ARG B 471 -8.56 2.13 13.54
C ARG B 471 -9.26 0.81 13.38
N PRO B 472 -8.62 -0.27 13.83
CA PRO B 472 -9.21 -1.60 13.74
C PRO B 472 -10.58 -1.87 14.39
N GLY B 473 -11.55 -2.13 13.52
CA GLY B 473 -12.91 -2.46 13.90
C GLY B 473 -12.98 -3.86 14.46
N ILE B 474 -14.16 -4.30 14.85
CA ILE B 474 -14.25 -5.61 15.41
C ILE B 474 -13.90 -6.71 14.43
N GLU B 475 -14.13 -6.52 13.12
CA GLU B 475 -13.78 -7.58 12.17
C GLU B 475 -12.30 -7.90 12.13
N THR B 476 -11.49 -7.10 12.86
CA THR B 476 -10.07 -7.33 12.79
C THR B 476 -9.65 -8.67 13.33
N THR B 477 -10.64 -9.35 13.90
CA THR B 477 -10.39 -10.62 14.54
C THR B 477 -10.36 -11.70 13.55
N GLU B 478 -11.03 -11.40 12.44
CA GLU B 478 -11.24 -12.28 11.33
C GLU B 478 -10.12 -12.33 10.33
N ARG B 479 -9.31 -11.29 10.38
CA ARG B 479 -8.16 -11.12 9.52
C ARG B 479 -7.34 -12.37 9.19
N ASN B 480 -6.95 -13.17 10.15
CA ASN B 480 -6.16 -14.33 9.73
C ASN B 480 -6.74 -15.34 8.76
N TYR B 481 -8.01 -15.53 8.92
CA TYR B 481 -8.68 -16.43 8.07
C TYR B 481 -8.64 -15.81 6.71
N ARG B 482 -9.24 -14.61 6.65
CA ARG B 482 -9.27 -13.89 5.38
C ARG B 482 -7.92 -13.83 4.68
N TYR B 483 -6.89 -13.83 5.41
CA TYR B 483 -5.67 -13.68 4.72
C TYR B 483 -5.20 -14.98 4.25
N ALA B 484 -5.64 -15.99 4.89
CA ALA B 484 -5.17 -17.26 4.42
C ALA B 484 -5.81 -17.54 3.08
N GLY B 485 -6.96 -16.90 2.91
CA GLY B 485 -7.72 -17.04 1.69
C GLY B 485 -6.84 -16.63 0.59
N TRP B 486 -6.55 -15.37 0.70
CA TRP B 486 -5.62 -14.69 -0.12
C TRP B 486 -4.40 -15.56 -0.40
N LYS B 487 -3.82 -16.09 0.64
CA LYS B 487 -2.60 -16.84 0.39
C LYS B 487 -2.71 -18.00 -0.52
N LYS B 488 -3.81 -18.68 -0.42
CA LYS B 488 -4.05 -19.82 -1.25
C LYS B 488 -4.30 -19.39 -2.68
N ALA B 489 -5.13 -18.36 -2.83
CA ALA B 489 -5.40 -17.80 -4.13
C ALA B 489 -4.13 -17.42 -4.87
N VAL B 490 -3.29 -16.67 -4.21
CA VAL B 490 -2.06 -16.24 -4.81
C VAL B 490 -1.27 -17.39 -5.36
N LYS B 491 -0.97 -18.29 -4.49
CA LYS B 491 -0.22 -19.45 -4.85
C LYS B 491 -0.79 -20.16 -6.07
N ARG B 492 -2.01 -19.84 -6.46
CA ARG B 492 -2.56 -20.54 -7.62
C ARG B 492 -2.43 -19.77 -8.94
N ALA B 493 -2.19 -18.47 -8.84
CA ALA B 493 -2.04 -17.62 -10.02
C ALA B 493 -0.59 -17.64 -10.52
N MET B 494 0.28 -18.06 -9.62
CA MET B 494 1.68 -18.15 -9.94
C MET B 494 2.01 -19.07 -11.12
N ALA B 495 3.07 -18.72 -11.80
CA ALA B 495 3.59 -19.57 -12.84
C ALA B 495 2.65 -19.84 -13.94
N TRP B 496 1.78 -18.93 -14.21
CA TRP B 496 0.86 -19.22 -15.23
C TRP B 496 1.50 -19.29 -16.57
N GLU B 497 2.23 -18.27 -16.99
CA GLU B 497 2.79 -18.31 -18.32
C GLU B 497 3.89 -19.30 -18.43
N GLU B 498 4.36 -19.48 -19.63
CA GLU B 498 5.40 -20.45 -19.74
C GLU B 498 6.64 -19.97 -20.44
N HIS B 499 7.69 -20.83 -20.37
CA HIS B 499 8.92 -20.52 -21.05
C HIS B 499 9.69 -21.80 -21.44
ZN ZN C . -13.54 -14.98 14.58
ZN ZN D . 2.33 9.57 -9.17
O1 G3H E . 8.36 1.73 -10.04
C1 G3H E . 7.44 2.61 -10.71
C2 G3H E . 6.91 3.69 -9.76
O2 G3H E . 7.45 4.98 -10.03
C3 G3H E . 5.40 3.75 -9.89
O1P G3H E . 4.93 5.07 -9.81
O2P G3H E . 3.38 5.25 -11.87
O3P G3H E . 2.42 4.56 -9.61
O4P G3H E . 3.08 6.85 -10.04
P G3H E . 3.43 5.42 -10.36
PB ADP F . -0.55 7.25 -10.22
O1B ADP F . -0.83 5.81 -10.55
O2B ADP F . 0.54 7.33 -9.18
O3B ADP F . -0.13 7.92 -11.50
PA ADP F . -2.24 8.26 -8.16
O1A ADP F . -2.93 9.53 -8.55
O2A ADP F . -1.45 8.23 -6.87
O3A ADP F . -1.96 8.00 -9.76
O5' ADP F . -3.38 7.15 -8.12
C5' ADP F . -4.58 7.17 -8.97
C4' ADP F . -5.23 5.81 -8.84
O4' ADP F . -6.23 5.82 -7.81
C3' ADP F . -5.80 5.12 -10.06
O3' ADP F . -5.09 3.87 -10.27
C2' ADP F . -7.30 5.00 -9.74
O2' ADP F . -7.70 3.94 -10.63
C1' ADP F . -7.37 5.14 -8.23
N9 ADP F . -8.49 5.87 -7.65
C8 ADP F . -8.96 7.13 -7.54
N7 ADP F . -9.98 7.24 -6.71
C5 ADP F . -10.18 5.95 -6.23
C6 ADP F . -11.10 5.38 -5.30
N6 ADP F . -12.12 6.05 -4.71
N1 ADP F . -10.96 4.06 -5.04
C2 ADP F . -10.05 3.35 -5.72
N3 ADP F . -9.12 3.79 -6.55
C4 ADP F . -9.22 5.11 -6.76
#